data_9MS2
#
_entry.id   9MS2
#
_cell.length_a   65.085
_cell.length_b   210.688
_cell.length_c   153.993
_cell.angle_alpha   90.00
_cell.angle_beta   90.00
_cell.angle_gamma   90.00
#
_symmetry.space_group_name_H-M   'C 2 2 21'
#
loop_
_entity.id
_entity.type
_entity.pdbx_description
1 polymer 'Cytochrome P450 3A5'
2 non-polymer 'PROTOPORPHYRIN IX CONTAINING FE'
3 non-polymer "N'-(2-chlorophenyl)-N-[(3-hydroxyphenyl)methyl]-N-[(2P)-2-(1H-imidazol-1-yl)-5-(trifluoromethyl)phenyl]urea"
4 non-polymer 1,2-ETHANEDIOL
5 non-polymer DI(HYDROXYETHYL)ETHER
6 non-polymer 'SULFATE ION'
7 water water
#
_entity_poly.entity_id   1
_entity_poly.type   'polypeptide(L)'
_entity_poly.pdbx_seq_one_letter_code
;MALYGTRTHGLFKRLGIPGPTPLPLLGNVLSYRQGLWKFDTECYKKYGKMWGTYEGQLPVLAITDPDVIRTVLVKECYSV
FTNRRSLGPVGFMKSAISLAEDEEWKRIRSLLSPTFTSGKLKEMFPIIAQYGDVLVRNLRREAEKGKPVTLKDIFGAYSM
DVITGTSFGVNIDSLNNPQDPFVESTKKFLKFGFLDPLFLSIILFPFLTPVFEALNVSLFPKDTINFLSKSVNRMKKSRL
NDKQKHRLDFLQLMIDSQNSKETESHKALSDLELAAQSIIFIFAGYETTSSVLSFTLYELATHPDVQQKLQKEIDAVLPN
KAPPTYDAVVQMEYLDMVVNETLRLFPVAIRLERTCKKDVEINGVFIPKGSMVVIPTYALHHDPKYWTEPEEFRPERFSK
KKDSIDPYIYTPFGTGPRNCIGMRFALMNMKLALIRVLQNFSFKPCKETQIPLKLDTQGLLQPEKPIVLKVDSRDGHHHH
;
_entity_poly.pdbx_strand_id   A,B
#
# COMPACT_ATOMS: atom_id res chain seq x y z
N MET A 1 15.38 -40.67 36.97
CA MET A 1 14.19 -39.83 36.99
C MET A 1 13.26 -40.16 35.83
N ALA A 2 13.34 -41.41 35.35
CA ALA A 2 12.57 -41.81 34.18
C ALA A 2 11.07 -41.82 34.42
N LEU A 3 10.63 -41.77 35.69
CA LEU A 3 9.21 -41.71 36.01
C LEU A 3 8.83 -40.46 36.79
N TYR A 4 9.77 -39.53 37.01
CA TYR A 4 9.51 -38.29 37.72
C TYR A 4 9.73 -37.13 36.75
N GLY A 5 8.66 -36.46 36.37
CA GLY A 5 8.75 -35.37 35.42
C GLY A 5 8.71 -35.79 33.97
N THR A 6 8.01 -36.87 33.64
CA THR A 6 7.91 -37.39 32.28
C THR A 6 6.48 -37.75 31.92
N ARG A 7 5.50 -37.13 32.57
CA ARG A 7 4.12 -37.60 32.49
C ARG A 7 3.56 -37.45 31.08
N THR A 8 3.68 -36.26 30.49
CA THR A 8 3.22 -35.98 29.14
C THR A 8 4.20 -36.40 28.05
N HIS A 9 5.43 -36.78 28.42
CA HIS A 9 6.51 -36.97 27.45
C HIS A 9 6.32 -38.17 26.53
N GLY A 10 5.21 -38.89 26.59
CA GLY A 10 4.97 -39.95 25.63
C GLY A 10 3.90 -39.60 24.60
N LEU A 11 3.38 -38.38 24.67
CA LEU A 11 2.26 -37.98 23.83
C LEU A 11 2.61 -38.05 22.35
N PHE A 12 3.68 -37.37 21.95
CA PHE A 12 4.06 -37.35 20.53
C PHE A 12 4.49 -38.72 20.03
N LYS A 13 5.07 -39.54 20.90
CA LYS A 13 5.41 -40.90 20.51
C LYS A 13 4.15 -41.70 20.15
N ARG A 14 3.12 -41.60 20.99
CA ARG A 14 1.87 -42.30 20.72
C ARG A 14 1.13 -41.72 19.52
N LEU A 15 1.41 -40.45 19.18
CA LEU A 15 0.79 -39.80 18.03
C LEU A 15 1.53 -40.07 16.73
N GLY A 16 2.74 -40.61 16.80
CA GLY A 16 3.54 -40.77 15.60
C GLY A 16 4.20 -39.51 15.13
N ILE A 17 4.34 -38.51 15.99
CA ILE A 17 4.99 -37.25 15.65
C ILE A 17 6.45 -37.34 16.05
N PRO A 18 7.40 -37.12 15.14
CA PRO A 18 8.82 -37.20 15.52
C PRO A 18 9.23 -36.00 16.36
N GLY A 19 10.42 -36.12 16.96
CA GLY A 19 10.98 -35.06 17.77
C GLY A 19 12.11 -35.54 18.65
N PRO A 20 12.92 -34.60 19.14
CA PRO A 20 14.04 -34.97 20.00
C PRO A 20 13.57 -35.44 21.37
N THR A 21 14.36 -36.34 21.96
CA THR A 21 14.01 -36.94 23.24
C THR A 21 14.05 -35.90 24.36
N PRO A 22 12.97 -35.69 25.10
CA PRO A 22 13.00 -34.73 26.20
C PRO A 22 13.68 -35.32 27.43
N LEU A 23 14.17 -34.42 28.27
CA LEU A 23 14.72 -34.82 29.55
C LEU A 23 13.65 -34.68 30.64
N PRO A 24 13.76 -35.44 31.73
CA PRO A 24 12.81 -35.30 32.83
C PRO A 24 12.83 -33.88 33.38
N LEU A 25 11.63 -33.37 33.69
CA LEU A 25 11.41 -32.03 34.24
C LEU A 25 11.67 -30.94 33.22
N LEU A 26 12.83 -30.97 32.56
CA LEU A 26 13.21 -29.89 31.65
C LEU A 26 12.49 -29.99 30.30
N GLY A 27 12.18 -31.19 29.86
CA GLY A 27 11.71 -31.33 28.49
C GLY A 27 12.88 -31.13 27.53
N ASN A 28 12.66 -30.34 26.48
CA ASN A 28 13.70 -30.02 25.51
C ASN A 28 14.24 -28.60 25.68
N VAL A 29 13.97 -27.96 26.83
CA VAL A 29 14.29 -26.56 27.00
C VAL A 29 15.79 -26.30 26.90
N LEU A 30 16.61 -27.29 27.27
CA LEU A 30 18.06 -27.14 27.16
C LEU A 30 18.49 -26.87 25.72
N SER A 31 17.72 -27.34 24.75
CA SER A 31 18.03 -27.08 23.35
C SER A 31 17.79 -25.63 22.94
N TYR A 32 17.25 -24.79 23.83
CA TYR A 32 17.06 -23.38 23.54
C TYR A 32 18.33 -22.57 23.70
N ARG A 33 19.36 -23.13 24.34
CA ARG A 33 20.56 -22.37 24.66
C ARG A 33 21.31 -21.97 23.40
N GLN A 34 21.20 -22.77 22.33
CA GLN A 34 21.81 -22.43 21.06
C GLN A 34 21.05 -21.33 20.32
N GLY A 35 19.92 -20.89 20.85
CA GLY A 35 19.05 -19.95 20.18
C GLY A 35 17.82 -20.64 19.62
N LEU A 36 16.64 -20.04 19.85
CA LEU A 36 15.41 -20.62 19.32
C LEU A 36 15.42 -20.69 17.81
N TRP A 37 16.03 -19.69 17.15
CA TRP A 37 16.11 -19.70 15.69
C TRP A 37 16.91 -20.88 15.18
N LYS A 38 17.99 -21.25 15.89
CA LYS A 38 18.78 -22.40 15.49
C LYS A 38 18.04 -23.70 15.78
N PHE A 39 17.40 -23.80 16.94
CA PHE A 39 16.65 -25.00 17.29
C PHE A 39 15.56 -25.29 16.28
N ASP A 40 14.79 -24.26 15.91
CA ASP A 40 13.71 -24.45 14.94
C ASP A 40 14.25 -24.88 13.57
N THR A 41 15.38 -24.29 13.16
CA THR A 41 15.95 -24.63 11.86
C THR A 41 16.44 -26.08 11.82
N GLU A 42 17.14 -26.51 12.88
CA GLU A 42 17.66 -27.87 12.89
C GLU A 42 16.53 -28.90 12.98
N CYS A 43 15.51 -28.62 13.80
CA CYS A 43 14.37 -29.52 13.88
C CYS A 43 13.66 -29.63 12.54
N TYR A 44 13.48 -28.49 11.85
CA TYR A 44 12.87 -28.50 10.53
C TYR A 44 13.64 -29.41 9.57
N LYS A 45 14.97 -29.27 9.53
CA LYS A 45 15.78 -30.08 8.64
C LYS A 45 15.68 -31.55 9.00
N LYS A 46 15.64 -31.88 10.30
CA LYS A 46 15.66 -33.27 10.73
C LYS A 46 14.32 -33.96 10.52
N TYR A 47 13.22 -33.29 10.84
CA TYR A 47 11.92 -33.96 10.96
C TYR A 47 10.90 -33.57 9.89
N GLY A 48 11.08 -32.44 9.23
CA GLY A 48 10.27 -32.11 8.05
C GLY A 48 8.97 -31.42 8.42
N LYS A 49 7.84 -32.01 8.00
CA LYS A 49 6.55 -31.31 8.05
C LYS A 49 6.14 -30.96 9.47
N MET A 50 6.39 -31.85 10.43
CA MET A 50 5.89 -31.67 11.79
C MET A 50 6.89 -32.26 12.77
N TRP A 51 7.00 -31.62 13.94
CA TRP A 51 7.76 -32.19 15.03
C TRP A 51 7.21 -31.68 16.35
N GLY A 52 7.43 -32.47 17.40
CA GLY A 52 6.93 -32.15 18.73
C GLY A 52 8.06 -32.06 19.74
N THR A 53 7.96 -31.08 20.64
CA THR A 53 8.90 -30.90 21.73
C THR A 53 8.10 -30.64 23.02
N TYR A 54 8.82 -30.51 24.13
CA TYR A 54 8.19 -30.34 25.44
C TYR A 54 8.88 -29.21 26.19
N GLU A 55 8.10 -28.20 26.58
CA GLU A 55 8.56 -27.15 27.50
C GLU A 55 8.18 -27.60 28.90
N GLY A 56 9.10 -28.31 29.56
CA GLY A 56 8.75 -28.99 30.78
C GLY A 56 7.80 -30.13 30.49
N GLN A 57 6.54 -29.99 30.92
CA GLN A 57 5.50 -30.95 30.59
C GLN A 57 4.64 -30.50 29.41
N LEU A 58 4.76 -29.26 28.99
CA LEU A 58 3.83 -28.70 28.00
C LEU A 58 4.19 -29.20 26.60
N PRO A 59 3.26 -29.87 25.90
CA PRO A 59 3.56 -30.31 24.53
C PRO A 59 3.54 -29.14 23.55
N VAL A 60 4.51 -29.15 22.64
CA VAL A 60 4.68 -28.09 21.65
C VAL A 60 4.77 -28.74 20.28
N LEU A 61 3.81 -28.46 19.41
CA LEU A 61 3.77 -29.00 18.06
C LEU A 61 4.12 -27.90 17.07
N ALA A 62 5.16 -28.12 16.28
CA ALA A 62 5.54 -27.20 15.22
C ALA A 62 5.02 -27.70 13.88
N ILE A 63 4.55 -26.76 13.05
CA ILE A 63 3.93 -27.07 11.77
C ILE A 63 4.53 -26.17 10.70
N THR A 64 4.76 -26.74 9.51
CA THR A 64 5.35 -26.00 8.41
C THR A 64 4.54 -26.04 7.13
N ASP A 65 3.44 -26.77 7.09
CA ASP A 65 2.60 -26.83 5.90
C ASP A 65 1.78 -25.55 5.79
N PRO A 66 1.85 -24.83 4.67
CA PRO A 66 1.09 -23.57 4.54
C PRO A 66 -0.40 -23.73 4.79
N ASP A 67 -0.99 -24.86 4.36
CA ASP A 67 -2.42 -25.07 4.58
C ASP A 67 -2.74 -25.25 6.05
N VAL A 68 -1.93 -26.04 6.77
CA VAL A 68 -2.12 -26.19 8.20
C VAL A 68 -1.88 -24.87 8.92
N ILE A 69 -0.87 -24.11 8.47
CA ILE A 69 -0.60 -22.81 9.07
C ILE A 69 -1.79 -21.87 8.88
N ARG A 70 -2.40 -21.89 7.69
CA ARG A 70 -3.58 -21.07 7.46
C ARG A 70 -4.73 -21.51 8.36
N THR A 71 -4.86 -22.82 8.61
CA THR A 71 -5.91 -23.31 9.48
C THR A 71 -5.73 -22.79 10.90
N VAL A 72 -4.49 -22.76 11.40
CA VAL A 72 -4.25 -22.36 12.77
C VAL A 72 -4.37 -20.85 12.94
N LEU A 73 -3.83 -20.07 12.01
CA LEU A 73 -3.75 -18.63 12.17
C LEU A 73 -5.01 -17.89 11.72
N VAL A 74 -5.78 -18.44 10.79
CA VAL A 74 -6.92 -17.70 10.24
C VAL A 74 -8.24 -18.42 10.50
N LYS A 75 -8.41 -19.60 9.88
CA LYS A 75 -9.68 -20.32 9.92
C LYS A 75 -10.19 -20.51 11.35
N GLU A 76 -9.36 -21.09 12.21
CA GLU A 76 -9.76 -21.45 13.57
C GLU A 76 -9.16 -20.52 14.62
N CYS A 77 -8.94 -19.26 14.27
CA CYS A 77 -8.37 -18.32 15.24
C CYS A 77 -9.34 -18.08 16.39
N TYR A 78 -10.56 -17.64 16.08
CA TYR A 78 -11.53 -17.36 17.14
C TYR A 78 -12.06 -18.62 17.79
N SER A 79 -11.96 -19.77 17.13
CA SER A 79 -12.57 -20.99 17.64
C SER A 79 -11.63 -21.87 18.44
N VAL A 80 -10.34 -21.92 18.09
CA VAL A 80 -9.42 -22.84 18.75
C VAL A 80 -8.16 -22.10 19.21
N PHE A 81 -7.54 -21.37 18.30
CA PHE A 81 -6.22 -20.80 18.55
C PHE A 81 -6.29 -19.29 18.76
N THR A 82 -7.04 -18.85 19.78
CA THR A 82 -7.22 -17.42 20.00
C THR A 82 -6.07 -16.80 20.77
N ASN A 83 -5.46 -17.54 21.69
CA ASN A 83 -4.42 -17.01 22.55
C ASN A 83 -3.05 -17.53 22.14
N ARG A 84 -2.03 -16.92 22.72
CA ARG A 84 -0.65 -17.35 22.49
C ARG A 84 -0.17 -18.12 23.70
N ARG A 85 1.14 -18.18 23.89
CA ARG A 85 1.73 -18.83 25.06
C ARG A 85 1.02 -18.43 26.35
N SER A 86 0.91 -19.39 27.27
CA SER A 86 0.25 -19.15 28.55
C SER A 86 0.85 -17.93 29.26
N LEU A 87 -0.03 -17.13 29.86
CA LEU A 87 0.37 -15.87 30.46
C LEU A 87 1.24 -16.07 31.69
N GLY A 88 2.32 -15.30 31.77
CA GLY A 88 3.19 -15.31 32.93
C GLY A 88 2.82 -14.24 33.93
N PRO A 89 3.61 -14.12 35.01
CA PRO A 89 3.34 -13.08 36.02
C PRO A 89 3.62 -11.69 35.50
N VAL A 90 2.58 -10.88 35.29
CA VAL A 90 2.76 -9.58 34.65
C VAL A 90 1.97 -8.50 35.38
N GLY A 91 1.15 -8.88 36.35
CA GLY A 91 0.33 -7.89 37.03
C GLY A 91 -0.74 -7.35 36.12
N PHE A 92 -1.03 -6.05 36.27
CA PHE A 92 -2.09 -5.43 35.47
C PHE A 92 -1.75 -5.35 33.99
N MET A 93 -0.50 -5.63 33.59
CA MET A 93 -0.15 -5.68 32.18
C MET A 93 -0.86 -6.82 31.44
N LYS A 94 -1.57 -7.69 32.16
CA LYS A 94 -2.32 -8.77 31.52
C LYS A 94 -3.39 -8.27 30.57
N SER A 95 -3.83 -7.02 30.71
CA SER A 95 -4.84 -6.46 29.83
C SER A 95 -4.26 -5.81 28.58
N ALA A 96 -2.95 -5.69 28.49
CA ALA A 96 -2.32 -5.25 27.25
C ALA A 96 -2.71 -6.21 26.12
N ILE A 97 -2.94 -5.64 24.93
CA ILE A 97 -3.50 -6.43 23.83
C ILE A 97 -2.58 -7.59 23.48
N SER A 98 -1.27 -7.40 23.58
CA SER A 98 -0.33 -8.48 23.28
C SER A 98 -0.46 -9.64 24.24
N LEU A 99 -1.02 -9.42 25.43
CA LEU A 99 -1.15 -10.45 26.45
C LEU A 99 -2.60 -10.76 26.81
N ALA A 100 -3.56 -10.03 26.26
CA ALA A 100 -4.96 -10.29 26.54
C ALA A 100 -5.39 -11.62 25.92
N GLU A 101 -6.47 -12.19 26.46
CA GLU A 101 -6.94 -13.49 26.03
C GLU A 101 -8.44 -13.47 25.78
N ASP A 102 -8.86 -14.32 24.84
CA ASP A 102 -10.27 -14.68 24.59
C ASP A 102 -11.09 -13.41 24.37
N GLU A 103 -12.22 -13.24 25.06
CA GLU A 103 -13.11 -12.11 24.78
C GLU A 103 -12.49 -10.78 25.15
N GLU A 104 -11.62 -10.77 26.17
CA GLU A 104 -10.94 -9.53 26.53
C GLU A 104 -10.04 -9.07 25.39
N TRP A 105 -9.37 -10.00 24.71
CA TRP A 105 -8.54 -9.62 23.58
C TRP A 105 -9.39 -9.10 22.41
N LYS A 106 -10.53 -9.77 22.16
CA LYS A 106 -11.38 -9.35 21.04
C LYS A 106 -11.88 -7.93 21.22
N ARG A 107 -12.29 -7.57 22.44
CA ARG A 107 -12.79 -6.23 22.69
C ARG A 107 -11.68 -5.20 22.54
N ILE A 108 -10.51 -5.47 23.13
CA ILE A 108 -9.43 -4.48 23.13
C ILE A 108 -8.85 -4.32 21.73
N ARG A 109 -8.65 -5.42 21.02
CA ARG A 109 -8.22 -5.33 19.62
C ARG A 109 -9.22 -4.52 18.80
N SER A 110 -10.52 -4.76 19.02
CA SER A 110 -11.55 -4.00 18.31
C SER A 110 -11.46 -2.51 18.64
N LEU A 111 -11.23 -2.17 19.91
CA LEU A 111 -11.20 -0.76 20.30
C LEU A 111 -9.97 -0.06 19.76
N LEU A 112 -8.89 -0.79 19.52
CA LEU A 112 -7.61 -0.18 19.13
C LEU A 112 -7.37 -0.16 17.63
N SER A 113 -8.07 -0.99 16.85
CA SER A 113 -7.77 -1.08 15.42
C SER A 113 -7.95 0.24 14.66
N PRO A 114 -8.92 1.11 14.98
CA PRO A 114 -8.94 2.42 14.30
C PRO A 114 -7.65 3.21 14.45
N THR A 115 -6.89 2.96 15.51
CA THR A 115 -5.66 3.73 15.74
C THR A 115 -4.55 3.35 14.77
N PHE A 116 -4.58 2.13 14.22
CA PHE A 116 -3.46 1.60 13.46
C PHE A 116 -3.79 1.39 11.98
N THR A 117 -4.83 2.05 11.48
CA THR A 117 -5.18 1.97 10.07
C THR A 117 -4.20 2.78 9.23
N SER A 118 -4.16 2.46 7.93
CA SER A 118 -3.35 3.23 7.00
C SER A 118 -3.85 4.66 6.90
N GLY A 119 -5.16 4.87 7.10
CA GLY A 119 -5.67 6.23 7.15
C GLY A 119 -5.11 7.02 8.31
N LYS A 120 -5.09 6.41 9.50
CA LYS A 120 -4.50 7.07 10.66
C LYS A 120 -3.00 7.28 10.48
N LEU A 121 -2.33 6.37 9.77
CA LEU A 121 -0.91 6.56 9.50
C LEU A 121 -0.67 7.80 8.64
N LYS A 122 -1.54 8.02 7.65
CA LYS A 122 -1.39 9.17 6.76
C LYS A 122 -1.47 10.48 7.54
N GLU A 123 -2.45 10.60 8.44
CA GLU A 123 -2.60 11.84 9.20
C GLU A 123 -1.42 12.06 10.14
N MET A 124 -0.88 10.98 10.71
CA MET A 124 0.20 11.08 11.68
C MET A 124 1.58 11.11 11.05
N PHE A 125 1.67 10.98 9.71
CA PHE A 125 2.98 11.01 9.04
C PHE A 125 3.82 12.23 9.40
N PRO A 126 3.31 13.47 9.41
CA PRO A 126 4.19 14.61 9.76
C PRO A 126 4.77 14.52 11.16
N ILE A 127 3.98 14.05 12.13
CA ILE A 127 4.50 13.88 13.48
C ILE A 127 5.64 12.86 13.48
N ILE A 128 5.49 11.79 12.68
CA ILE A 128 6.51 10.74 12.66
C ILE A 128 7.76 11.21 11.92
N ALA A 129 7.58 11.88 10.77
CA ALA A 129 8.71 12.28 9.95
C ALA A 129 9.61 13.31 10.63
N GLN A 130 9.08 14.06 11.61
CA GLN A 130 9.88 15.07 12.29
C GLN A 130 11.06 14.44 13.02
N TYR A 131 10.92 13.19 13.46
CA TYR A 131 11.98 12.53 14.21
C TYR A 131 13.10 12.02 13.32
N GLY A 132 12.93 12.08 12.00
CA GLY A 132 14.05 11.82 11.11
C GLY A 132 15.13 12.89 11.21
N ASP A 133 14.75 14.12 11.55
CA ASP A 133 15.72 15.19 11.70
C ASP A 133 16.64 14.95 12.89
N VAL A 134 16.08 14.54 14.02
CA VAL A 134 16.88 14.25 15.20
C VAL A 134 17.83 13.09 14.92
N LEU A 135 17.37 12.10 14.15
CA LEU A 135 18.20 10.94 13.83
C LEU A 135 19.40 11.35 12.99
N VAL A 136 19.19 12.21 11.99
CA VAL A 136 20.27 12.56 11.06
C VAL A 136 21.36 13.35 11.78
N ARG A 137 20.97 14.34 12.58
CA ARG A 137 21.97 15.15 13.25
C ARG A 137 22.67 14.37 14.37
N ASN A 138 21.97 13.43 15.00
CA ASN A 138 22.62 12.53 15.93
C ASN A 138 23.68 11.68 15.22
N LEU A 139 23.34 11.16 14.04
CA LEU A 139 24.30 10.39 13.26
C LEU A 139 25.43 11.26 12.72
N ARG A 140 25.13 12.52 12.38
CA ARG A 140 26.16 13.40 11.85
C ARG A 140 27.22 13.69 12.91
N ARG A 141 26.79 14.02 14.13
CA ARG A 141 27.74 14.34 15.19
C ARG A 141 28.70 13.19 15.47
N GLU A 142 28.24 11.95 15.28
CA GLU A 142 29.10 10.79 15.49
C GLU A 142 29.91 10.44 14.25
N ALA A 143 29.38 10.73 13.06
CA ALA A 143 30.14 10.50 11.84
C ALA A 143 31.22 11.55 11.63
N GLU A 144 31.01 12.76 12.15
CA GLU A 144 31.99 13.85 11.89
C GLU A 144 33.34 13.51 12.53
N LYS A 145 33.40 12.51 13.39
CA LYS A 145 34.65 12.21 14.14
C LYS A 145 35.57 11.29 13.34
N GLY A 146 35.11 10.79 12.20
CA GLY A 146 35.92 9.84 11.40
C GLY A 146 36.02 8.49 12.09
N LYS A 147 35.41 8.35 13.27
CA LYS A 147 35.46 7.07 14.04
C LYS A 147 34.18 6.25 13.79
N PRO A 148 34.30 4.94 13.53
CA PRO A 148 33.13 4.10 13.23
C PRO A 148 32.04 4.22 14.29
N VAL A 149 30.80 4.06 13.84
CA VAL A 149 29.61 4.33 14.65
C VAL A 149 28.99 3.01 15.07
N THR A 150 28.53 2.95 16.32
CA THR A 150 27.74 1.82 16.82
C THR A 150 26.27 2.13 16.56
N LEU A 151 25.65 1.36 15.66
CA LEU A 151 24.31 1.72 15.20
C LEU A 151 23.25 1.51 16.28
N LYS A 152 23.47 0.57 17.21
CA LYS A 152 22.43 0.25 18.19
C LYS A 152 22.09 1.45 19.07
N ASP A 153 23.07 2.30 19.36
CA ASP A 153 22.79 3.48 20.18
C ASP A 153 22.02 4.54 19.40
N ILE A 154 22.38 4.74 18.12
CA ILE A 154 21.70 5.74 17.31
C ILE A 154 20.27 5.30 17.01
N PHE A 155 20.12 4.10 16.46
CA PHE A 155 18.80 3.63 16.08
C PHE A 155 17.96 3.24 17.28
N GLY A 156 18.59 2.78 18.36
CA GLY A 156 17.87 2.60 19.61
C GLY A 156 17.27 3.91 20.11
N ALA A 157 18.04 4.99 19.99
CA ALA A 157 17.53 6.31 20.39
C ALA A 157 16.39 6.75 19.48
N TYR A 158 16.57 6.60 18.16
CA TYR A 158 15.50 6.96 17.23
C TYR A 158 14.25 6.13 17.48
N SER A 159 14.42 4.81 17.67
CA SER A 159 13.28 3.93 17.88
C SER A 159 12.49 4.35 19.11
N MET A 160 13.18 4.61 20.23
CA MET A 160 12.50 5.08 21.44
C MET A 160 11.88 6.45 21.21
N ASP A 161 12.58 7.32 20.48
CA ASP A 161 12.07 8.67 20.23
C ASP A 161 10.77 8.63 19.44
N VAL A 162 10.77 7.93 18.30
CA VAL A 162 9.62 8.01 17.39
C VAL A 162 8.39 7.35 18.00
N ILE A 163 8.57 6.24 18.71
CA ILE A 163 7.40 5.58 19.30
C ILE A 163 6.89 6.38 20.48
N THR A 164 7.77 7.06 21.22
CA THR A 164 7.33 7.90 22.33
C THR A 164 6.63 9.15 21.82
N GLY A 165 7.14 9.75 20.75
CA GLY A 165 6.49 10.94 20.20
C GLY A 165 5.16 10.61 19.55
N THR A 166 5.08 9.46 18.88
CA THR A 166 3.80 9.03 18.32
C THR A 166 2.79 8.69 19.42
N SER A 167 3.28 8.31 20.60
CA SER A 167 2.41 7.90 21.69
C SER A 167 1.92 9.09 22.51
N PHE A 168 2.82 10.00 22.87
CA PHE A 168 2.50 11.07 23.79
C PHE A 168 2.76 12.47 23.24
N GLY A 169 3.18 12.59 21.98
CA GLY A 169 3.38 13.89 21.40
C GLY A 169 4.52 14.69 22.01
N VAL A 170 5.54 14.02 22.53
CA VAL A 170 6.66 14.67 23.19
C VAL A 170 7.95 14.09 22.61
N ASN A 171 8.89 14.96 22.26
CA ASN A 171 10.20 14.54 21.82
C ASN A 171 11.09 14.44 23.05
N ILE A 172 11.72 13.27 23.23
CA ILE A 172 12.54 13.02 24.42
C ILE A 172 14.04 13.04 24.11
N ASP A 173 14.43 13.05 22.85
CA ASP A 173 15.83 13.08 22.44
C ASP A 173 16.69 12.11 23.27
N SER A 174 16.31 10.84 23.19
CA SER A 174 16.87 9.80 24.05
C SER A 174 18.39 9.85 24.11
N LEU A 175 19.04 9.97 22.95
CA LEU A 175 20.50 9.91 22.91
C LEU A 175 21.15 10.96 23.81
N ASN A 176 20.59 12.17 23.84
CA ASN A 176 21.15 13.27 24.60
C ASN A 176 20.45 13.52 25.92
N ASN A 177 19.67 12.55 26.42
CA ASN A 177 18.97 12.68 27.70
C ASN A 177 18.99 11.35 28.45
N PRO A 178 20.16 10.79 28.72
CA PRO A 178 20.20 9.48 29.38
C PRO A 178 19.80 9.52 30.85
N GLN A 179 19.73 10.70 31.45
CA GLN A 179 19.29 10.84 32.83
C GLN A 179 17.79 11.08 32.96
N ASP A 180 17.08 11.28 31.85
CA ASP A 180 15.63 11.35 31.86
C ASP A 180 15.06 10.08 32.48
N PRO A 181 14.24 10.18 33.53
CA PRO A 181 13.69 8.96 34.14
C PRO A 181 12.88 8.13 33.17
N PHE A 182 12.24 8.76 32.19
CA PHE A 182 11.55 8.01 31.14
C PHE A 182 12.53 7.22 30.30
N VAL A 183 13.64 7.85 29.90
CA VAL A 183 14.63 7.16 29.08
C VAL A 183 15.28 6.03 29.87
N GLU A 184 15.62 6.27 31.13
CA GLU A 184 16.26 5.23 31.93
C GLU A 184 15.31 4.06 32.20
N SER A 185 14.02 4.36 32.37
CA SER A 185 13.05 3.31 32.64
C SER A 185 12.86 2.41 31.42
N THR A 186 12.65 3.02 30.25
CA THR A 186 12.37 2.27 29.04
C THR A 186 13.54 1.39 28.59
N LYS A 187 14.78 1.81 28.89
CA LYS A 187 15.92 0.99 28.53
C LYS A 187 15.95 -0.34 29.27
N LYS A 188 15.29 -0.42 30.43
CA LYS A 188 15.23 -1.68 31.15
C LYS A 188 14.38 -2.72 30.45
N PHE A 189 13.61 -2.33 29.43
CA PHE A 189 12.88 -3.30 28.62
C PHE A 189 13.82 -4.18 27.80
N LEU A 190 15.06 -3.74 27.58
CA LEU A 190 16.00 -4.50 26.76
C LEU A 190 16.40 -5.82 27.40
N LYS A 191 16.20 -5.98 28.71
CA LYS A 191 16.54 -7.21 29.41
C LYS A 191 15.37 -8.17 29.53
N PHE A 192 14.29 -7.93 28.80
CA PHE A 192 13.11 -8.78 28.89
C PHE A 192 13.32 -10.08 28.12
N GLY A 193 12.68 -11.14 28.62
CA GLY A 193 12.61 -12.41 27.91
C GLY A 193 13.88 -13.24 27.94
N PHE A 194 14.91 -12.82 28.66
CA PHE A 194 16.10 -13.65 28.76
C PHE A 194 15.81 -14.88 29.59
N LEU A 195 16.51 -15.97 29.29
CA LEU A 195 16.32 -17.25 29.99
C LEU A 195 16.98 -17.24 31.37
N ASP A 196 16.50 -16.33 32.21
CA ASP A 196 16.99 -16.22 33.58
C ASP A 196 16.25 -17.23 34.45
N PRO A 197 16.67 -17.43 35.71
CA PRO A 197 15.99 -18.42 36.56
C PRO A 197 14.49 -18.22 36.68
N LEU A 198 14.01 -16.99 36.85
CA LEU A 198 12.58 -16.76 37.00
C LEU A 198 11.82 -17.10 35.73
N PHE A 199 12.32 -16.62 34.58
CA PHE A 199 11.67 -16.94 33.30
C PHE A 199 11.66 -18.44 33.04
N LEU A 200 12.78 -19.11 33.33
CA LEU A 200 12.87 -20.54 33.10
C LEU A 200 11.89 -21.31 33.97
N SER A 201 11.69 -20.87 35.21
CA SER A 201 10.74 -21.54 36.09
C SER A 201 9.30 -21.37 35.61
N ILE A 202 9.00 -20.25 34.96
CA ILE A 202 7.64 -20.02 34.47
C ILE A 202 7.33 -20.91 33.28
N ILE A 203 8.29 -21.10 32.38
CA ILE A 203 8.04 -21.98 31.24
C ILE A 203 8.00 -23.43 31.69
N LEU A 204 8.84 -23.81 32.66
CA LEU A 204 8.85 -25.19 33.12
C LEU A 204 7.63 -25.50 33.98
N PHE A 205 7.25 -24.57 34.86
CA PHE A 205 6.17 -24.78 35.82
C PHE A 205 5.19 -23.62 35.72
N PRO A 206 4.34 -23.61 34.68
CA PRO A 206 3.42 -22.47 34.52
C PRO A 206 2.42 -22.33 35.63
N PHE A 207 2.20 -23.39 36.43
CA PHE A 207 1.29 -23.28 37.58
C PHE A 207 1.85 -22.38 38.68
N LEU A 208 3.11 -21.95 38.58
CA LEU A 208 3.68 -21.01 39.54
C LEU A 208 3.29 -19.57 39.26
N THR A 209 2.68 -19.29 38.12
CA THR A 209 2.29 -17.92 37.80
C THR A 209 1.37 -17.29 38.85
N PRO A 210 0.30 -17.94 39.31
CA PRO A 210 -0.52 -17.32 40.36
C PRO A 210 0.27 -17.08 41.65
N VAL A 211 1.29 -17.89 41.93
CA VAL A 211 2.11 -17.66 43.12
C VAL A 211 2.89 -16.35 42.98
N PHE A 212 3.58 -16.18 41.85
CA PHE A 212 4.38 -14.98 41.67
C PHE A 212 3.52 -13.73 41.55
N GLU A 213 2.31 -13.86 40.99
CA GLU A 213 1.41 -12.71 40.93
C GLU A 213 0.99 -12.29 42.34
N ALA A 214 0.65 -13.25 43.20
CA ALA A 214 0.30 -12.93 44.58
C ALA A 214 1.48 -12.34 45.34
N LEU A 215 2.70 -12.62 44.92
CA LEU A 215 3.90 -12.06 45.53
C LEU A 215 4.32 -10.75 44.89
N ASN A 216 3.51 -10.22 43.98
CA ASN A 216 3.84 -9.00 43.23
C ASN A 216 5.19 -9.11 42.53
N VAL A 217 5.45 -10.28 41.95
CA VAL A 217 6.62 -10.52 41.13
C VAL A 217 6.18 -10.51 39.67
N SER A 218 6.91 -9.79 38.83
CA SER A 218 6.53 -9.61 37.44
C SER A 218 7.71 -9.88 36.52
N LEU A 219 7.39 -10.27 35.29
CA LEU A 219 8.41 -10.44 34.26
C LEU A 219 8.90 -9.12 33.70
N PHE A 220 8.10 -8.05 33.84
CA PHE A 220 8.43 -6.69 33.47
C PHE A 220 9.19 -6.00 34.60
N PRO A 221 10.03 -5.01 34.29
CA PRO A 221 10.61 -4.19 35.35
C PRO A 221 9.53 -3.42 36.10
N LYS A 222 9.25 -3.82 37.34
CA LYS A 222 8.16 -3.22 38.10
C LYS A 222 8.32 -1.71 38.21
N ASP A 223 9.55 -1.23 38.43
CA ASP A 223 9.77 0.21 38.52
C ASP A 223 9.46 0.90 37.19
N THR A 224 9.85 0.28 36.07
CA THR A 224 9.53 0.86 34.77
C THR A 224 8.01 0.89 34.56
N ILE A 225 7.33 -0.18 34.93
CA ILE A 225 5.87 -0.23 34.77
C ILE A 225 5.21 0.87 35.60
N ASN A 226 5.66 1.03 36.85
CA ASN A 226 5.02 2.01 37.73
C ASN A 226 5.29 3.44 37.26
N PHE A 227 6.50 3.72 36.75
CA PHE A 227 6.79 5.05 36.26
C PHE A 227 5.93 5.40 35.06
N LEU A 228 5.89 4.50 34.06
CA LEU A 228 5.11 4.78 32.85
C LEU A 228 3.62 4.88 33.17
N SER A 229 3.13 4.03 34.06
CA SER A 229 1.73 4.11 34.47
C SER A 229 1.43 5.44 35.15
N LYS A 230 2.35 5.90 36.00
CA LYS A 230 2.18 7.21 36.64
C LYS A 230 2.31 8.33 35.63
N SER A 231 3.27 8.20 34.70
CA SER A 231 3.45 9.20 33.66
C SER A 231 2.22 9.29 32.76
N VAL A 232 1.54 8.17 32.51
CA VAL A 232 0.34 8.19 31.69
C VAL A 232 -0.77 8.93 32.40
N ASN A 233 -0.98 8.66 33.69
CA ASN A 233 -2.04 9.34 34.44
C ASN A 233 -1.73 10.82 34.61
N ARG A 234 -0.46 11.19 34.69
CA ARG A 234 -0.09 12.60 34.73
C ARG A 234 -0.44 13.30 33.41
N MET A 235 -0.25 12.61 32.28
CA MET A 235 -0.43 13.29 31.00
C MET A 235 -1.90 13.47 30.64
N LYS A 236 -2.74 12.47 30.89
CA LYS A 236 -4.16 12.64 30.64
C LYS A 236 -4.74 13.72 31.55
N LYS A 237 -4.29 13.76 32.81
CA LYS A 237 -4.82 14.75 33.74
C LYS A 237 -4.41 16.17 33.32
N SER A 238 -3.20 16.31 32.77
CA SER A 238 -2.80 17.61 32.24
C SER A 238 -3.67 18.01 31.05
N ARG A 239 -4.04 17.04 30.21
CA ARG A 239 -4.85 17.33 29.03
C ARG A 239 -6.27 17.71 29.41
N LEU A 240 -6.76 17.25 30.57
CA LEU A 240 -8.07 17.64 31.05
C LEU A 240 -8.16 19.12 31.41
N ASN A 241 -7.04 19.82 31.51
CA ASN A 241 -7.05 21.25 31.80
C ASN A 241 -6.59 22.05 30.58
N HIS A 246 -5.86 20.32 20.73
CA HIS A 246 -5.88 19.48 19.54
C HIS A 246 -4.61 18.64 19.42
N ARG A 247 -4.50 17.62 20.28
CA ARG A 247 -3.36 16.72 20.28
C ARG A 247 -3.67 15.48 19.46
N LEU A 248 -2.70 15.07 18.65
CA LEU A 248 -2.81 13.86 17.83
C LEU A 248 -1.71 12.89 18.21
N ASP A 249 -2.08 11.83 18.93
CA ASP A 249 -1.14 10.78 19.31
C ASP A 249 -1.95 9.59 19.80
N PHE A 250 -1.24 8.49 20.08
CA PHE A 250 -1.89 7.26 20.54
C PHE A 250 -2.69 7.50 21.81
N LEU A 251 -2.13 8.28 22.74
CA LEU A 251 -2.80 8.52 24.02
C LEU A 251 -4.11 9.28 23.83
N GLN A 252 -4.09 10.34 23.02
CA GLN A 252 -5.28 11.15 22.83
C GLN A 252 -6.40 10.35 22.17
N LEU A 253 -6.06 9.52 21.18
CA LEU A 253 -7.06 8.68 20.53
C LEU A 253 -7.74 7.76 21.56
N MET A 254 -6.96 7.20 22.47
CA MET A 254 -7.53 6.32 23.48
C MET A 254 -8.36 7.10 24.49
N ILE A 255 -7.92 8.33 24.82
CA ILE A 255 -8.71 9.19 25.70
C ILE A 255 -10.05 9.50 25.07
N ASP A 256 -10.05 9.91 23.79
CA ASP A 256 -11.29 10.23 23.09
C ASP A 256 -12.21 9.02 23.03
N SER A 257 -11.66 7.84 22.74
CA SER A 257 -12.48 6.63 22.72
C SER A 257 -13.05 6.32 24.09
N GLN A 258 -12.31 6.67 25.14
CA GLN A 258 -12.78 6.46 26.50
C GLN A 258 -13.96 7.37 26.82
N ASN A 259 -14.04 8.53 26.16
CA ASN A 259 -15.14 9.47 26.33
C ASN A 259 -16.15 9.38 25.20
N SER A 260 -16.27 8.22 24.57
CA SER A 260 -17.22 8.03 23.47
C SER A 260 -18.17 6.88 23.78
N LYS A 267 -17.94 -2.56 25.30
CA LYS A 267 -17.67 -1.68 26.43
C LYS A 267 -16.52 -0.73 26.11
N ALA A 268 -16.19 0.15 27.05
CA ALA A 268 -15.15 1.14 26.83
C ALA A 268 -13.82 0.71 27.47
N LEU A 269 -12.78 1.44 27.12
CA LEU A 269 -11.46 1.22 27.69
C LEU A 269 -11.43 1.67 29.15
N SER A 270 -10.96 0.80 30.03
CA SER A 270 -10.75 1.23 31.41
C SER A 270 -9.47 2.05 31.51
N ASP A 271 -9.35 2.81 32.60
CA ASP A 271 -8.14 3.61 32.80
C ASP A 271 -6.92 2.73 32.98
N LEU A 272 -7.08 1.60 33.68
CA LEU A 272 -5.99 0.65 33.81
C LEU A 272 -5.65 0.02 32.46
N GLU A 273 -6.68 -0.35 31.68
CA GLU A 273 -6.44 -0.97 30.39
C GLU A 273 -5.75 0.01 29.44
N LEU A 274 -6.11 1.30 29.52
CA LEU A 274 -5.47 2.30 28.69
C LEU A 274 -3.97 2.35 28.96
N ALA A 275 -3.59 2.36 30.24
CA ALA A 275 -2.17 2.40 30.60
C ALA A 275 -1.43 1.19 30.08
N ALA A 276 -2.06 0.00 30.13
CA ALA A 276 -1.41 -1.21 29.64
C ALA A 276 -1.11 -1.11 28.15
N GLN A 277 -2.06 -0.62 27.36
CA GLN A 277 -1.82 -0.44 25.92
C GLN A 277 -0.73 0.58 25.67
N SER A 278 -0.77 1.71 26.39
CA SER A 278 0.25 2.74 26.22
C SER A 278 1.64 2.18 26.45
N ILE A 279 1.82 1.40 27.52
CA ILE A 279 3.13 0.83 27.82
C ILE A 279 3.51 -0.21 26.77
N ILE A 280 2.56 -1.06 26.38
CA ILE A 280 2.87 -2.16 25.46
C ILE A 280 3.26 -1.64 24.08
N PHE A 281 2.76 -0.47 23.68
CA PHE A 281 3.15 0.09 22.39
C PHE A 281 4.60 0.54 22.42
N ILE A 282 5.02 1.17 23.52
CA ILE A 282 6.43 1.52 23.69
C ILE A 282 7.28 0.26 23.72
N PHE A 283 6.84 -0.75 24.47
CA PHE A 283 7.60 -1.99 24.58
C PHE A 283 7.75 -2.67 23.22
N ALA A 284 6.67 -2.74 22.46
CA ALA A 284 6.69 -3.45 21.18
C ALA A 284 7.60 -2.76 20.17
N GLY A 285 7.45 -1.43 20.04
CA GLY A 285 8.18 -0.72 19.00
C GLY A 285 9.63 -0.42 19.31
N TYR A 286 10.03 -0.52 20.57
CA TYR A 286 11.37 -0.06 20.95
C TYR A 286 12.45 -0.98 20.39
N GLU A 287 12.57 -2.20 20.92
CA GLU A 287 13.72 -3.03 20.57
C GLU A 287 13.62 -3.57 19.15
N THR A 288 12.43 -4.01 18.73
CA THR A 288 12.28 -4.64 17.41
C THR A 288 12.68 -3.67 16.31
N THR A 289 12.14 -2.45 16.34
CA THR A 289 12.41 -1.48 15.28
C THR A 289 13.91 -1.15 15.21
N SER A 290 14.55 -0.99 16.37
CA SER A 290 15.98 -0.71 16.39
C SER A 290 16.78 -1.85 15.79
N SER A 291 16.42 -3.10 16.13
CA SER A 291 17.17 -4.24 15.65
C SER A 291 17.08 -4.39 14.13
N VAL A 292 15.87 -4.28 13.58
CA VAL A 292 15.70 -4.43 12.13
C VAL A 292 16.44 -3.32 11.40
N LEU A 293 16.42 -2.10 11.94
CA LEU A 293 17.16 -1.01 11.33
C LEU A 293 18.66 -1.28 11.32
N SER A 294 19.19 -1.77 12.45
CA SER A 294 20.61 -2.12 12.49
C SER A 294 20.91 -3.29 11.56
N PHE A 295 20.05 -4.29 11.49
CA PHE A 295 20.26 -5.40 10.51
C PHE A 295 20.24 -4.86 9.07
N THR A 296 19.33 -3.95 8.75
CA THR A 296 19.21 -3.48 7.34
C THR A 296 20.50 -2.80 6.92
N LEU A 297 21.07 -1.99 7.79
CA LEU A 297 22.28 -1.21 7.43
C LEU A 297 23.51 -2.14 7.32
N TYR A 298 23.57 -3.20 8.10
CA TYR A 298 24.66 -4.19 7.95
C TYR A 298 24.58 -4.74 6.54
N GLU A 299 23.39 -5.13 6.12
CA GLU A 299 23.27 -5.71 4.79
C GLU A 299 23.58 -4.69 3.71
N LEU A 300 23.16 -3.44 3.91
CA LEU A 300 23.46 -2.39 2.93
C LEU A 300 24.96 -2.11 2.89
N ALA A 301 25.62 -2.08 4.04
CA ALA A 301 27.06 -1.83 4.07
C ALA A 301 27.83 -2.97 3.41
N THR A 302 27.40 -4.21 3.62
CA THR A 302 28.07 -5.35 3.01
C THR A 302 27.60 -5.62 1.58
N HIS A 303 26.62 -4.86 1.08
CA HIS A 303 26.16 -4.96 -0.30
C HIS A 303 26.06 -3.54 -0.85
N PRO A 304 27.20 -2.93 -1.21
CA PRO A 304 27.18 -1.52 -1.63
C PRO A 304 26.38 -1.27 -2.90
N ASP A 305 26.30 -2.26 -3.80
CA ASP A 305 25.48 -2.11 -5.00
C ASP A 305 24.02 -1.91 -4.64
N VAL A 306 23.52 -2.67 -3.67
CA VAL A 306 22.14 -2.49 -3.21
C VAL A 306 21.98 -1.11 -2.57
N GLN A 307 22.97 -0.70 -1.77
CA GLN A 307 22.89 0.61 -1.13
C GLN A 307 22.88 1.74 -2.15
N GLN A 308 23.69 1.61 -3.20
CA GLN A 308 23.75 2.66 -4.22
C GLN A 308 22.49 2.63 -5.10
N LYS A 309 21.99 1.44 -5.42
CA LYS A 309 20.73 1.36 -6.15
C LYS A 309 19.59 1.93 -5.34
N LEU A 310 19.56 1.67 -4.03
CA LEU A 310 18.54 2.27 -3.17
C LEU A 310 18.74 3.78 -3.10
N GLN A 311 19.98 4.23 -2.96
CA GLN A 311 20.26 5.67 -2.92
C GLN A 311 19.80 6.36 -4.20
N LYS A 312 19.92 5.66 -5.34
CA LYS A 312 19.48 6.22 -6.61
C LYS A 312 17.96 6.40 -6.63
N GLU A 313 17.22 5.42 -6.09
CA GLU A 313 15.77 5.53 -6.08
C GLU A 313 15.31 6.66 -5.16
N ILE A 314 15.94 6.80 -3.99
CA ILE A 314 15.59 7.90 -3.09
C ILE A 314 15.80 9.24 -3.78
N ASP A 315 16.97 9.41 -4.41
CA ASP A 315 17.28 10.67 -5.08
C ASP A 315 16.38 10.91 -6.28
N ALA A 316 15.95 9.86 -6.96
CA ALA A 316 15.08 10.04 -8.12
C ALA A 316 13.68 10.44 -7.70
N VAL A 317 13.22 9.98 -6.53
CA VAL A 317 11.88 10.32 -6.05
C VAL A 317 11.88 11.63 -5.27
N LEU A 318 12.93 11.86 -4.47
CA LEU A 318 13.07 13.07 -3.65
C LEU A 318 14.35 13.80 -4.05
N PRO A 319 14.36 14.49 -5.18
CA PRO A 319 15.57 15.23 -5.59
C PRO A 319 15.86 16.38 -4.64
N ASN A 320 17.15 16.77 -4.61
CA ASN A 320 17.60 17.94 -3.79
C ASN A 320 17.33 17.71 -2.30
N LYS A 321 17.48 16.47 -1.84
CA LYS A 321 17.20 16.15 -0.44
C LYS A 321 15.79 16.58 -0.04
N ALA A 322 14.82 16.29 -0.89
CA ALA A 322 13.45 16.69 -0.60
C ALA A 322 12.97 15.96 0.65
N PRO A 323 12.28 16.65 1.55
CA PRO A 323 11.70 15.98 2.73
C PRO A 323 10.74 14.89 2.30
N PRO A 324 10.79 13.72 2.95
CA PRO A 324 9.89 12.64 2.56
C PRO A 324 8.43 13.00 2.79
N THR A 325 7.57 12.52 1.90
CA THR A 325 6.13 12.58 2.05
C THR A 325 5.58 11.16 2.08
N TYR A 326 4.34 11.02 2.55
CA TYR A 326 3.71 9.71 2.54
C TYR A 326 3.68 9.12 1.13
N ASP A 327 3.30 9.93 0.14
CA ASP A 327 3.24 9.45 -1.23
C ASP A 327 4.62 9.16 -1.79
N ALA A 328 5.65 9.87 -1.32
CA ALA A 328 7.01 9.58 -1.78
C ALA A 328 7.45 8.20 -1.33
N VAL A 329 7.09 7.82 -0.11
CA VAL A 329 7.48 6.50 0.40
C VAL A 329 6.78 5.40 -0.40
N VAL A 330 5.51 5.59 -0.73
CA VAL A 330 4.77 4.59 -1.50
C VAL A 330 5.43 4.36 -2.86
N GLN A 331 6.11 5.38 -3.40
CA GLN A 331 6.72 5.25 -4.70
C GLN A 331 8.03 4.46 -4.66
N MET A 332 8.64 4.29 -3.50
CA MET A 332 9.98 3.70 -3.40
C MET A 332 9.81 2.18 -3.35
N GLU A 333 9.78 1.57 -4.54
CA GLU A 333 9.58 0.13 -4.64
C GLU A 333 10.78 -0.63 -4.08
N TYR A 334 12.00 -0.19 -4.43
CA TYR A 334 13.20 -0.89 -4.00
C TYR A 334 13.38 -0.81 -2.48
N LEU A 335 12.99 0.32 -1.88
CA LEU A 335 13.07 0.43 -0.42
C LEU A 335 12.17 -0.60 0.25
N ASP A 336 10.99 -0.85 -0.33
CA ASP A 336 10.13 -1.91 0.18
C ASP A 336 10.79 -3.26 0.04
N MET A 337 11.45 -3.51 -1.09
CA MET A 337 12.14 -4.78 -1.31
C MET A 337 13.28 -4.96 -0.32
N VAL A 338 14.01 -3.89 -0.02
CA VAL A 338 15.14 -3.98 0.90
C VAL A 338 14.66 -4.30 2.32
N VAL A 339 13.60 -3.63 2.76
CA VAL A 339 13.05 -3.89 4.09
C VAL A 339 12.49 -5.31 4.16
N ASN A 340 11.74 -5.72 3.13
CA ASN A 340 11.16 -7.06 3.11
C ASN A 340 12.24 -8.13 3.17
N GLU A 341 13.31 -7.96 2.40
CA GLU A 341 14.37 -8.96 2.39
C GLU A 341 15.15 -8.97 3.71
N THR A 342 15.30 -7.80 4.34
CA THR A 342 15.91 -7.78 5.67
C THR A 342 15.06 -8.56 6.66
N LEU A 343 13.74 -8.39 6.59
CA LEU A 343 12.85 -9.11 7.50
C LEU A 343 12.76 -10.60 7.17
N ARG A 344 13.05 -10.99 5.92
CA ARG A 344 13.15 -12.42 5.63
C ARG A 344 14.35 -13.03 6.34
N LEU A 345 15.52 -12.39 6.21
CA LEU A 345 16.73 -12.92 6.84
C LEU A 345 16.63 -12.85 8.36
N PHE A 346 16.05 -11.77 8.89
CA PHE A 346 16.04 -11.52 10.33
C PHE A 346 14.62 -11.24 10.81
N PRO A 347 13.76 -12.26 10.84
CA PRO A 347 12.45 -12.08 11.50
C PRO A 347 12.64 -12.05 13.00
N VAL A 348 12.74 -10.83 13.56
CA VAL A 348 13.25 -10.65 14.92
C VAL A 348 12.42 -11.40 15.96
N ALA A 349 11.14 -11.67 15.68
CA ALA A 349 10.32 -12.44 16.62
C ALA A 349 10.54 -13.94 16.52
N ILE A 350 11.27 -14.41 15.50
CA ILE A 350 11.71 -15.79 15.33
C ILE A 350 10.55 -16.73 14.98
N ARG A 351 9.48 -16.71 15.76
CA ARG A 351 8.41 -17.68 15.58
C ARG A 351 7.07 -17.08 16.00
N LEU A 352 6.00 -17.78 15.62
CA LEU A 352 4.65 -17.49 16.08
C LEU A 352 4.16 -18.63 16.96
N GLU A 353 3.35 -18.29 17.96
CA GLU A 353 2.88 -19.26 18.93
C GLU A 353 1.38 -19.09 19.17
N ARG A 354 0.68 -20.22 19.25
CA ARG A 354 -0.73 -20.26 19.59
C ARG A 354 -0.98 -21.41 20.56
N THR A 355 -2.06 -21.29 21.34
CA THR A 355 -2.47 -22.33 22.28
C THR A 355 -3.81 -22.91 21.87
N CYS A 356 -3.95 -24.23 22.02
CA CYS A 356 -5.21 -24.92 21.79
C CYS A 356 -6.12 -24.69 22.98
N LYS A 357 -7.20 -23.91 22.79
CA LYS A 357 -8.17 -23.70 23.86
C LYS A 357 -9.02 -24.92 24.12
N LYS A 358 -8.96 -25.90 23.22
CA LYS A 358 -9.72 -27.15 23.38
C LYS A 358 -9.01 -28.26 22.63
N ASP A 359 -9.41 -29.50 22.89
CA ASP A 359 -8.87 -30.59 22.08
C ASP A 359 -9.19 -30.34 20.62
N VAL A 360 -8.22 -30.61 19.75
CA VAL A 360 -8.35 -30.27 18.34
C VAL A 360 -7.55 -31.27 17.52
N GLU A 361 -8.03 -31.56 16.32
CA GLU A 361 -7.32 -32.41 15.36
C GLU A 361 -6.65 -31.51 14.34
N ILE A 362 -5.33 -31.47 14.37
CA ILE A 362 -4.53 -30.65 13.46
C ILE A 362 -3.93 -31.57 12.41
N ASN A 363 -4.45 -31.49 11.18
CA ASN A 363 -3.98 -32.31 10.07
C ASN A 363 -4.06 -33.80 10.42
N GLY A 364 -5.19 -34.19 10.99
CA GLY A 364 -5.40 -35.58 11.36
C GLY A 364 -4.66 -36.03 12.59
N VAL A 365 -4.08 -35.11 13.36
CA VAL A 365 -3.37 -35.44 14.60
C VAL A 365 -4.12 -34.81 15.76
N PHE A 366 -4.42 -35.62 16.77
CA PHE A 366 -5.12 -35.13 17.96
C PHE A 366 -4.15 -34.37 18.84
N ILE A 367 -4.51 -33.14 19.19
CA ILE A 367 -3.71 -32.28 20.04
C ILE A 367 -4.53 -31.92 21.27
N PRO A 368 -4.05 -32.21 22.48
CA PRO A 368 -4.86 -31.97 23.68
C PRO A 368 -4.98 -30.49 23.98
N LYS A 369 -6.06 -30.16 24.71
CA LYS A 369 -6.26 -28.81 25.19
C LYS A 369 -5.06 -28.33 25.98
N GLY A 370 -4.65 -27.08 25.74
CA GLY A 370 -3.55 -26.46 26.44
C GLY A 370 -2.22 -26.54 25.72
N SER A 371 -2.10 -27.41 24.71
CA SER A 371 -0.84 -27.54 23.98
C SER A 371 -0.55 -26.28 23.17
N MET A 372 0.73 -26.09 22.87
CA MET A 372 1.20 -24.97 22.08
C MET A 372 1.47 -25.42 20.64
N VAL A 373 1.11 -24.57 19.68
CA VAL A 373 1.44 -24.76 18.28
C VAL A 373 2.39 -23.64 17.87
N VAL A 374 3.50 -23.99 17.22
CA VAL A 374 4.53 -23.04 16.84
C VAL A 374 4.61 -22.99 15.32
N ILE A 375 4.57 -21.77 14.78
CA ILE A 375 4.85 -21.55 13.36
C ILE A 375 6.27 -21.03 13.26
N PRO A 376 7.23 -21.85 12.84
CA PRO A 376 8.65 -21.43 12.87
C PRO A 376 9.00 -20.48 11.72
N THR A 377 8.71 -19.20 11.97
CA THR A 377 8.95 -18.15 10.97
C THR A 377 10.39 -18.17 10.47
N TYR A 378 11.35 -18.18 11.39
CA TYR A 378 12.76 -18.13 10.99
C TYR A 378 13.13 -19.32 10.11
N ALA A 379 12.76 -20.54 10.53
CA ALA A 379 13.08 -21.72 9.74
C ALA A 379 12.41 -21.65 8.37
N LEU A 380 11.15 -21.22 8.32
CA LEU A 380 10.47 -21.12 7.04
C LEU A 380 11.06 -20.01 6.17
N HIS A 381 11.60 -18.96 6.79
CA HIS A 381 12.26 -17.90 6.03
C HIS A 381 13.57 -18.35 5.40
N HIS A 382 14.23 -19.36 5.96
CA HIS A 382 15.53 -19.82 5.48
C HIS A 382 15.44 -21.16 4.76
N ASP A 383 14.24 -21.59 4.39
CA ASP A 383 14.06 -22.88 3.73
C ASP A 383 14.48 -22.78 2.27
N PRO A 384 15.48 -23.55 1.83
CA PRO A 384 15.83 -23.55 0.39
C PRO A 384 14.72 -24.05 -0.50
N LYS A 385 13.72 -24.75 0.06
CA LYS A 385 12.58 -25.18 -0.73
C LYS A 385 11.79 -23.98 -1.24
N TYR A 386 11.81 -22.87 -0.51
CA TYR A 386 11.05 -21.68 -0.89
C TYR A 386 11.91 -20.53 -1.40
N TRP A 387 13.19 -20.47 -1.03
CA TRP A 387 14.04 -19.33 -1.34
C TRP A 387 15.35 -19.81 -1.95
N THR A 388 15.61 -19.42 -3.19
CA THR A 388 16.90 -19.70 -3.81
C THR A 388 18.00 -18.97 -3.07
N GLU A 389 19.05 -19.71 -2.71
CA GLU A 389 20.14 -19.19 -1.89
C GLU A 389 19.57 -18.48 -0.66
N PRO A 390 18.99 -19.23 0.28
CA PRO A 390 18.24 -18.58 1.37
C PRO A 390 19.10 -17.73 2.30
N GLU A 391 20.40 -17.96 2.36
CA GLU A 391 21.28 -17.19 3.22
C GLU A 391 21.78 -15.90 2.57
N GLU A 392 21.55 -15.72 1.28
CA GLU A 392 22.03 -14.54 0.57
C GLU A 392 21.05 -13.39 0.66
N PHE A 393 21.57 -12.19 0.83
CA PHE A 393 20.76 -10.98 0.85
C PHE A 393 20.50 -10.57 -0.59
N ARG A 394 19.28 -10.83 -1.08
CA ARG A 394 18.90 -10.52 -2.45
C ARG A 394 17.55 -9.84 -2.43
N PRO A 395 17.50 -8.51 -2.39
CA PRO A 395 16.21 -7.82 -2.43
C PRO A 395 15.38 -8.15 -3.66
N GLU A 396 16.00 -8.71 -4.71
CA GLU A 396 15.31 -9.03 -5.94
C GLU A 396 14.26 -10.12 -5.79
N ARG A 397 14.25 -10.85 -4.67
CA ARG A 397 13.21 -11.86 -4.47
C ARG A 397 11.82 -11.24 -4.45
N PHE A 398 11.70 -10.02 -3.91
CA PHE A 398 10.40 -9.40 -3.69
C PHE A 398 10.00 -8.47 -4.82
N SER A 399 10.70 -8.50 -5.95
CA SER A 399 10.30 -7.72 -7.10
C SER A 399 9.05 -8.33 -7.73
N LYS A 400 8.23 -7.47 -8.33
CA LYS A 400 7.00 -7.94 -8.97
C LYS A 400 7.26 -8.92 -10.11
N LYS A 401 8.51 -9.09 -10.53
CA LYS A 401 8.84 -10.00 -11.62
C LYS A 401 9.07 -11.42 -11.13
N LYS A 402 8.93 -11.67 -9.83
CA LYS A 402 9.05 -13.00 -9.26
C LYS A 402 7.64 -13.51 -8.92
N ASP A 403 7.60 -14.74 -8.41
CA ASP A 403 6.29 -15.35 -8.08
C ASP A 403 5.79 -14.78 -6.75
N SER A 404 4.47 -14.74 -6.56
CA SER A 404 3.86 -14.20 -5.33
C SER A 404 4.43 -14.89 -4.08
N ILE A 405 4.65 -14.12 -3.02
CA ILE A 405 5.13 -14.66 -1.76
C ILE A 405 3.96 -15.21 -0.95
N ASP A 406 4.09 -16.44 -0.48
CA ASP A 406 3.07 -17.07 0.35
C ASP A 406 2.98 -16.37 1.69
N PRO A 407 1.80 -15.85 2.09
CA PRO A 407 1.70 -15.13 3.37
C PRO A 407 1.73 -16.02 4.59
N TYR A 408 1.77 -17.35 4.42
CA TYR A 408 1.92 -18.27 5.53
C TYR A 408 3.33 -18.82 5.66
N ILE A 409 4.17 -18.59 4.66
CA ILE A 409 5.61 -18.86 4.77
C ILE A 409 6.37 -17.65 5.27
N TYR A 410 6.07 -16.49 4.70
CA TYR A 410 6.69 -15.22 5.06
C TYR A 410 5.81 -14.54 6.09
N THR A 411 6.18 -14.63 7.36
CA THR A 411 5.38 -14.10 8.47
C THR A 411 6.23 -13.30 9.45
N PRO A 412 6.92 -12.26 8.98
CA PRO A 412 7.69 -11.43 9.92
C PRO A 412 6.81 -10.67 10.90
N PHE A 413 5.58 -10.36 10.51
CA PHE A 413 4.61 -9.71 11.37
C PHE A 413 3.45 -10.64 11.74
N GLY A 414 3.63 -11.94 11.53
CA GLY A 414 2.52 -12.85 11.69
C GLY A 414 1.48 -12.65 10.61
N THR A 415 0.33 -13.30 10.81
CA THR A 415 -0.79 -13.16 9.89
C THR A 415 -2.06 -13.60 10.60
N GLY A 416 -3.20 -13.22 10.02
CA GLY A 416 -4.48 -13.51 10.60
C GLY A 416 -4.93 -12.44 11.59
N PRO A 417 -6.02 -12.71 12.31
CA PRO A 417 -6.56 -11.69 13.22
C PRO A 417 -5.63 -11.30 14.36
N ARG A 418 -4.64 -12.14 14.70
CA ARG A 418 -3.73 -11.86 15.79
C ARG A 418 -2.37 -11.36 15.31
N ASN A 419 -2.30 -10.82 14.09
CA ASN A 419 -1.03 -10.36 13.56
C ASN A 419 -0.59 -9.07 14.27
N CYS A 420 0.57 -8.56 13.86
CA CYS A 420 1.13 -7.32 14.47
C CYS A 420 0.24 -6.11 14.16
N ILE A 421 -0.42 -5.60 15.19
CA ILE A 421 -1.31 -4.47 14.98
C ILE A 421 -0.56 -3.21 14.58
N GLY A 422 0.72 -3.10 14.93
CA GLY A 422 1.50 -1.89 14.63
C GLY A 422 2.39 -2.05 13.41
N MET A 423 2.10 -3.04 12.56
CA MET A 423 2.99 -3.32 11.41
C MET A 423 3.13 -2.09 10.49
N ARG A 424 2.00 -1.50 10.08
CA ARG A 424 2.03 -0.31 9.20
C ARG A 424 2.93 0.74 9.85
N PHE A 425 2.68 1.07 11.11
CA PHE A 425 3.49 2.11 11.76
C PHE A 425 4.95 1.69 11.85
N ALA A 426 5.22 0.41 12.12
CA ALA A 426 6.60 -0.05 12.20
C ALA A 426 7.31 0.07 10.85
N LEU A 427 6.66 -0.35 9.78
CA LEU A 427 7.23 -0.20 8.45
C LEU A 427 7.47 1.27 8.12
N MET A 428 6.52 2.14 8.47
CA MET A 428 6.70 3.56 8.23
C MET A 428 7.88 4.12 9.02
N ASN A 429 7.94 3.80 10.31
CA ASN A 429 9.03 4.27 11.16
C ASN A 429 10.38 3.87 10.58
N MET A 430 10.49 2.64 10.07
CA MET A 430 11.76 2.16 9.54
C MET A 430 12.08 2.78 8.20
N LYS A 431 11.10 2.86 7.30
CA LYS A 431 11.34 3.43 5.97
C LYS A 431 11.77 4.88 6.07
N LEU A 432 11.12 5.67 6.93
CA LEU A 432 11.48 7.07 7.09
C LEU A 432 12.92 7.21 7.57
N ALA A 433 13.32 6.40 8.55
CA ALA A 433 14.69 6.45 9.04
C ALA A 433 15.68 6.08 7.95
N LEU A 434 15.37 5.04 7.17
CA LEU A 434 16.28 4.61 6.11
C LEU A 434 16.43 5.69 5.04
N ILE A 435 15.33 6.37 4.71
CA ILE A 435 15.39 7.42 3.69
C ILE A 435 16.31 8.55 4.15
N ARG A 436 16.10 9.03 5.38
CA ARG A 436 16.84 10.19 5.86
C ARG A 436 18.34 9.93 5.94
N VAL A 437 18.72 8.79 6.53
CA VAL A 437 20.14 8.51 6.69
C VAL A 437 20.80 8.25 5.34
N LEU A 438 20.08 7.60 4.42
CA LEU A 438 20.66 7.31 3.10
C LEU A 438 20.69 8.54 2.20
N GLN A 439 19.87 9.56 2.48
CA GLN A 439 19.99 10.82 1.78
C GLN A 439 21.28 11.55 2.15
N ASN A 440 21.74 11.38 3.39
CA ASN A 440 22.86 12.13 3.92
C ASN A 440 24.15 11.34 4.03
N PHE A 441 24.09 10.01 4.15
CA PHE A 441 25.26 9.23 4.51
C PHE A 441 25.37 7.99 3.64
N SER A 442 26.60 7.46 3.58
CA SER A 442 26.89 6.16 2.99
C SER A 442 27.58 5.30 4.04
N PHE A 443 27.32 4.00 3.99
CA PHE A 443 27.75 3.08 5.02
C PHE A 443 28.66 2.01 4.41
N LYS A 444 29.79 1.77 5.04
CA LYS A 444 30.75 0.77 4.61
C LYS A 444 31.35 0.07 5.82
N PRO A 445 31.73 -1.20 5.70
CA PRO A 445 32.33 -1.90 6.84
C PRO A 445 33.75 -1.44 7.13
N CYS A 446 34.17 -1.69 8.36
CA CYS A 446 35.54 -1.45 8.80
C CYS A 446 36.14 -2.75 9.32
N LYS A 447 37.28 -2.65 9.99
CA LYS A 447 37.94 -3.82 10.57
C LYS A 447 37.27 -4.26 11.87
N GLU A 448 36.32 -3.48 12.37
CA GLU A 448 35.57 -3.80 13.58
C GLU A 448 34.21 -4.41 13.28
N THR A 449 33.79 -4.43 12.02
CA THR A 449 32.52 -5.00 11.62
C THR A 449 32.60 -6.52 11.62
N GLN A 450 31.82 -7.17 12.49
CA GLN A 450 31.72 -8.62 12.49
C GLN A 450 31.18 -9.13 11.16
N ILE A 451 32.04 -9.78 10.37
CA ILE A 451 31.66 -10.31 9.06
C ILE A 451 32.18 -11.74 8.93
N PRO A 452 31.31 -12.75 8.75
CA PRO A 452 29.85 -12.65 8.63
C PRO A 452 29.19 -12.37 9.97
N LEU A 453 27.97 -11.85 9.96
CA LEU A 453 27.27 -11.52 11.19
C LEU A 453 26.81 -12.78 11.90
N LYS A 454 26.96 -12.79 13.23
CA LYS A 454 26.50 -13.88 14.06
C LYS A 454 25.38 -13.39 14.96
N LEU A 455 24.40 -14.26 15.20
CA LEU A 455 23.20 -13.91 15.94
C LEU A 455 23.33 -14.27 17.42
N ASP A 456 22.57 -13.58 18.26
CA ASP A 456 22.50 -13.93 19.68
C ASP A 456 21.71 -15.23 19.85
N THR A 457 21.52 -15.64 21.11
CA THR A 457 20.82 -16.88 21.39
C THR A 457 19.63 -16.73 22.32
N GLN A 458 19.19 -15.50 22.60
CA GLN A 458 18.06 -15.31 23.51
C GLN A 458 17.25 -14.11 23.06
N GLY A 459 15.97 -14.13 23.42
CA GLY A 459 15.01 -13.07 23.16
C GLY A 459 14.87 -12.78 21.69
N LEU A 460 14.61 -11.51 21.37
CA LEU A 460 14.51 -11.08 19.99
C LEU A 460 15.83 -11.33 19.26
N LEU A 461 15.73 -11.52 17.95
CA LEU A 461 16.94 -11.62 17.13
C LEU A 461 17.77 -10.36 17.30
N GLN A 462 19.04 -10.55 17.67
CA GLN A 462 19.96 -9.45 17.89
C GLN A 462 21.34 -9.92 17.47
N PRO A 463 22.18 -9.03 16.92
CA PRO A 463 23.55 -9.41 16.61
C PRO A 463 24.32 -9.84 17.85
N GLU A 464 25.13 -10.88 17.69
CA GLU A 464 25.95 -11.37 18.81
C GLU A 464 26.87 -10.28 19.33
N LYS A 465 27.47 -9.50 18.43
CA LYS A 465 28.25 -8.32 18.76
C LYS A 465 27.61 -7.10 18.10
N PRO A 466 27.73 -5.92 18.72
CA PRO A 466 27.07 -4.75 18.16
C PRO A 466 27.57 -4.44 16.76
N ILE A 467 26.66 -3.99 15.89
CA ILE A 467 27.01 -3.65 14.52
C ILE A 467 27.70 -2.30 14.53
N VAL A 468 28.91 -2.25 14.00
CA VAL A 468 29.70 -1.02 13.93
C VAL A 468 30.10 -0.80 12.48
N LEU A 469 29.91 0.44 11.99
CA LEU A 469 30.16 0.75 10.59
C LEU A 469 30.76 2.14 10.47
N LYS A 470 31.47 2.36 9.36
CA LYS A 470 31.96 3.68 8.99
C LYS A 470 30.88 4.45 8.25
N VAL A 471 30.59 5.67 8.72
CA VAL A 471 29.53 6.50 8.17
C VAL A 471 30.15 7.74 7.54
N ASP A 472 29.98 7.89 6.23
CA ASP A 472 30.55 8.99 5.46
C ASP A 472 29.44 9.87 4.90
N SER A 473 29.59 11.18 5.06
CA SER A 473 28.63 12.15 4.51
C SER A 473 28.68 12.12 2.98
N ARG A 474 27.53 12.22 2.34
CA ARG A 474 27.45 12.23 0.85
C ARG A 474 27.95 13.59 0.34
N ASP A 475 27.82 14.63 1.17
CA ASP A 475 28.36 15.96 0.79
C ASP A 475 29.51 16.31 1.73
N ARG B 7 -25.83 -23.36 -19.43
CA ARG B 7 -25.03 -24.08 -18.45
C ARG B 7 -24.19 -23.13 -17.62
N THR B 8 -23.51 -22.19 -18.29
CA THR B 8 -22.70 -21.23 -17.56
C THR B 8 -23.55 -20.12 -16.95
N HIS B 9 -24.76 -19.91 -17.48
CA HIS B 9 -25.64 -18.87 -16.98
C HIS B 9 -26.33 -19.27 -15.67
N GLY B 10 -26.04 -20.45 -15.16
CA GLY B 10 -26.54 -20.90 -13.88
C GLY B 10 -25.49 -20.88 -12.78
N LEU B 11 -24.29 -20.40 -13.11
CA LEU B 11 -23.18 -20.43 -12.15
C LEU B 11 -23.51 -19.63 -10.90
N PHE B 12 -23.90 -18.37 -11.06
CA PHE B 12 -24.22 -17.54 -9.91
C PHE B 12 -25.45 -18.06 -9.18
N LYS B 13 -26.39 -18.66 -9.91
CA LYS B 13 -27.57 -19.25 -9.28
C LYS B 13 -27.18 -20.41 -8.38
N ARG B 14 -26.33 -21.32 -8.88
CA ARG B 14 -25.89 -22.46 -8.07
C ARG B 14 -24.97 -22.03 -6.93
N LEU B 15 -24.32 -20.87 -7.04
CA LEU B 15 -23.45 -20.38 -5.98
C LEU B 15 -24.19 -19.59 -4.90
N GLY B 16 -25.44 -19.22 -5.13
CA GLY B 16 -26.14 -18.38 -4.19
C GLY B 16 -25.81 -16.91 -4.29
N ILE B 17 -25.25 -16.46 -5.40
CA ILE B 17 -24.92 -15.06 -5.62
C ILE B 17 -26.09 -14.41 -6.38
N PRO B 18 -26.68 -13.34 -5.86
CA PRO B 18 -27.78 -12.69 -6.58
C PRO B 18 -27.28 -11.94 -7.79
N GLY B 19 -28.23 -11.55 -8.64
CA GLY B 19 -27.92 -10.82 -9.85
C GLY B 19 -29.07 -10.85 -10.83
N PRO B 20 -29.04 -9.95 -11.82
CA PRO B 20 -30.13 -9.90 -12.80
C PRO B 20 -30.14 -11.13 -13.68
N THR B 21 -31.33 -11.54 -14.10
CA THR B 21 -31.48 -12.75 -14.90
C THR B 21 -30.85 -12.53 -16.27
N PRO B 22 -29.91 -13.36 -16.69
CA PRO B 22 -29.30 -13.19 -18.01
C PRO B 22 -30.18 -13.75 -19.12
N LEU B 23 -29.96 -13.20 -20.33
CA LEU B 23 -30.61 -13.70 -21.53
C LEU B 23 -29.69 -14.66 -22.28
N PRO B 24 -30.24 -15.60 -23.04
CA PRO B 24 -29.40 -16.48 -23.86
C PRO B 24 -28.58 -15.68 -24.85
N LEU B 25 -27.33 -16.10 -25.03
CA LEU B 25 -26.37 -15.48 -25.95
C LEU B 25 -25.92 -14.11 -25.47
N LEU B 26 -26.86 -13.22 -25.15
CA LEU B 26 -26.51 -11.86 -24.78
C LEU B 26 -26.00 -11.75 -23.34
N GLY B 27 -26.49 -12.58 -22.44
CA GLY B 27 -26.20 -12.36 -21.03
C GLY B 27 -26.98 -11.16 -20.53
N ASN B 28 -26.30 -10.26 -19.81
CA ASN B 28 -26.89 -9.03 -19.31
C ASN B 28 -26.44 -7.80 -20.11
N VAL B 29 -25.86 -8.01 -21.30
CA VAL B 29 -25.24 -6.92 -22.04
C VAL B 29 -26.27 -5.87 -22.46
N LEU B 30 -27.52 -6.29 -22.69
CA LEU B 30 -28.55 -5.33 -23.08
C LEU B 30 -28.76 -4.27 -22.00
N SER B 31 -28.47 -4.59 -20.74
CA SER B 31 -28.58 -3.62 -19.67
C SER B 31 -27.49 -2.56 -19.72
N TYR B 32 -26.54 -2.66 -20.64
CA TYR B 32 -25.49 -1.67 -20.79
C TYR B 32 -25.93 -0.43 -21.55
N ARG B 33 -27.07 -0.50 -22.25
CA ARG B 33 -27.48 0.62 -23.12
C ARG B 33 -27.79 1.86 -22.31
N GLN B 34 -28.24 1.70 -21.07
CA GLN B 34 -28.53 2.81 -20.16
C GLN B 34 -27.26 3.43 -19.58
N GLY B 35 -26.09 2.87 -19.86
CA GLY B 35 -24.86 3.32 -19.24
C GLY B 35 -24.36 2.38 -18.17
N LEU B 36 -23.05 2.06 -18.20
CA LEU B 36 -22.48 1.17 -17.19
C LEU B 36 -22.59 1.75 -15.80
N TRP B 37 -22.46 3.08 -15.66
CA TRP B 37 -22.57 3.73 -14.37
C TRP B 37 -23.97 3.57 -13.77
N LYS B 38 -24.99 3.60 -14.63
CA LYS B 38 -26.39 3.48 -14.14
C LYS B 38 -26.66 2.02 -13.76
N PHE B 39 -26.19 1.08 -14.58
CA PHE B 39 -26.34 -0.33 -14.29
C PHE B 39 -25.65 -0.73 -12.99
N ASP B 40 -24.41 -0.28 -12.79
CA ASP B 40 -23.70 -0.61 -11.55
C ASP B 40 -24.42 0.00 -10.34
N THR B 41 -24.93 1.22 -10.50
CA THR B 41 -25.62 1.86 -9.38
C THR B 41 -26.89 1.11 -9.00
N GLU B 42 -27.70 0.71 -9.99
CA GLU B 42 -28.94 0.00 -9.69
C GLU B 42 -28.67 -1.39 -9.13
N CYS B 43 -27.68 -2.09 -9.68
CA CYS B 43 -27.33 -3.41 -9.14
C CYS B 43 -26.85 -3.30 -7.71
N TYR B 44 -26.02 -2.31 -7.41
CA TYR B 44 -25.56 -2.08 -6.05
C TYR B 44 -26.73 -1.89 -5.09
N LYS B 45 -27.69 -1.04 -5.48
CA LYS B 45 -28.84 -0.80 -4.63
C LYS B 45 -29.68 -2.06 -4.43
N LYS B 46 -29.86 -2.84 -5.51
CA LYS B 46 -30.73 -4.02 -5.44
C LYS B 46 -30.06 -5.19 -4.74
N TYR B 47 -28.77 -5.43 -4.99
CA TYR B 47 -28.13 -6.66 -4.58
C TYR B 47 -27.10 -6.50 -3.46
N GLY B 48 -26.57 -5.30 -3.24
CA GLY B 48 -25.75 -5.07 -2.07
C GLY B 48 -24.30 -5.45 -2.19
N LYS B 49 -23.85 -6.36 -1.30
CA LYS B 49 -22.42 -6.65 -1.18
C LYS B 49 -21.85 -7.23 -2.46
N MET B 50 -22.61 -8.09 -3.14
CA MET B 50 -22.12 -8.83 -4.29
C MET B 50 -23.25 -9.08 -5.27
N TRP B 51 -22.92 -9.08 -6.56
CA TRP B 51 -23.86 -9.50 -7.57
C TRP B 51 -23.11 -10.04 -8.77
N GLY B 52 -23.77 -10.92 -9.51
CA GLY B 52 -23.16 -11.56 -10.67
C GLY B 52 -23.96 -11.27 -11.93
N THR B 53 -23.24 -11.01 -13.02
CA THR B 53 -23.83 -10.80 -14.34
C THR B 53 -23.03 -11.60 -15.36
N TYR B 54 -23.49 -11.57 -16.61
CA TYR B 54 -22.87 -12.33 -17.67
C TYR B 54 -22.68 -11.44 -18.90
N GLU B 55 -21.43 -11.31 -19.34
CA GLU B 55 -21.12 -10.66 -20.61
C GLU B 55 -21.06 -11.76 -21.66
N GLY B 56 -22.20 -12.04 -22.29
CA GLY B 56 -22.31 -13.21 -23.12
C GLY B 56 -22.28 -14.47 -22.28
N GLN B 57 -21.19 -15.24 -22.38
CA GLN B 57 -20.97 -16.39 -21.53
C GLN B 57 -20.07 -16.10 -20.34
N LEU B 58 -19.41 -14.95 -20.32
CA LEU B 58 -18.39 -14.66 -19.31
C LEU B 58 -19.05 -14.27 -17.99
N PRO B 59 -18.77 -14.98 -16.89
CA PRO B 59 -19.30 -14.56 -15.59
C PRO B 59 -18.58 -13.33 -15.06
N VAL B 60 -19.35 -12.40 -14.49
CA VAL B 60 -18.84 -11.14 -13.97
C VAL B 60 -19.33 -10.98 -12.54
N LEU B 61 -18.41 -10.93 -11.58
CA LEU B 61 -18.73 -10.75 -10.18
C LEU B 61 -18.34 -9.36 -9.73
N ALA B 62 -19.30 -8.61 -9.20
CA ALA B 62 -19.05 -7.29 -8.65
C ALA B 62 -18.98 -7.35 -7.13
N ILE B 63 -18.06 -6.60 -6.54
CA ILE B 63 -17.81 -6.63 -5.10
C ILE B 63 -17.75 -5.20 -4.58
N THR B 64 -18.33 -4.98 -3.40
CA THR B 64 -18.36 -3.65 -2.80
C THR B 64 -17.81 -3.60 -1.39
N ASP B 65 -17.44 -4.73 -0.80
CA ASP B 65 -16.87 -4.74 0.55
C ASP B 65 -15.44 -4.23 0.49
N PRO B 66 -15.09 -3.19 1.25
CA PRO B 66 -13.71 -2.66 1.18
C PRO B 66 -12.65 -3.71 1.47
N ASP B 67 -12.92 -4.64 2.39
CA ASP B 67 -11.94 -5.68 2.71
C ASP B 67 -11.74 -6.63 1.53
N VAL B 68 -12.85 -7.03 0.88
CA VAL B 68 -12.74 -7.89 -0.30
C VAL B 68 -12.03 -7.16 -1.42
N ILE B 69 -12.31 -5.86 -1.58
CA ILE B 69 -11.68 -5.07 -2.64
C ILE B 69 -10.16 -5.01 -2.42
N ARG B 70 -9.73 -4.84 -1.17
CA ARG B 70 -8.28 -4.80 -0.89
C ARG B 70 -7.61 -6.13 -1.25
N THR B 71 -8.29 -7.25 -1.00
CA THR B 71 -7.72 -8.54 -1.34
C THR B 71 -7.54 -8.68 -2.85
N VAL B 72 -8.52 -8.22 -3.64
CA VAL B 72 -8.45 -8.38 -5.08
C VAL B 72 -7.43 -7.42 -5.68
N LEU B 73 -7.41 -6.17 -5.24
CA LEU B 73 -6.58 -5.16 -5.86
C LEU B 73 -5.15 -5.16 -5.34
N VAL B 74 -4.93 -5.60 -4.10
CA VAL B 74 -3.61 -5.49 -3.48
C VAL B 74 -3.06 -6.86 -3.09
N LYS B 75 -3.71 -7.49 -2.11
CA LYS B 75 -3.19 -8.74 -1.53
C LYS B 75 -2.88 -9.80 -2.57
N GLU B 76 -3.86 -10.12 -3.41
CA GLU B 76 -3.73 -11.22 -4.37
C GLU B 76 -3.61 -10.71 -5.80
N CYS B 77 -3.01 -9.53 -5.99
CA CYS B 77 -2.82 -8.99 -7.33
C CYS B 77 -1.87 -9.86 -8.14
N TYR B 78 -0.66 -10.09 -7.63
CA TYR B 78 0.32 -10.88 -8.36
C TYR B 78 -0.04 -12.37 -8.40
N SER B 79 -0.87 -12.84 -7.48
CA SER B 79 -1.15 -14.27 -7.38
C SER B 79 -2.38 -14.71 -8.14
N VAL B 80 -3.42 -13.87 -8.22
CA VAL B 80 -4.67 -14.26 -8.86
C VAL B 80 -5.13 -13.21 -9.86
N PHE B 81 -5.17 -11.95 -9.43
CA PHE B 81 -5.78 -10.89 -10.24
C PHE B 81 -4.74 -9.98 -10.86
N THR B 82 -3.87 -10.52 -11.69
CA THR B 82 -2.79 -9.73 -12.28
C THR B 82 -3.24 -8.99 -13.52
N ASN B 83 -4.15 -9.55 -14.30
CA ASN B 83 -4.59 -8.95 -15.55
C ASN B 83 -5.99 -8.38 -15.42
N ARG B 84 -6.36 -7.63 -16.45
CA ARG B 84 -7.69 -7.05 -16.52
C ARG B 84 -8.51 -7.85 -17.53
N ARG B 85 -9.55 -7.22 -18.08
CA ARG B 85 -10.36 -7.85 -19.12
C ARG B 85 -9.50 -8.54 -20.18
N SER B 86 -10.01 -9.67 -20.68
CA SER B 86 -9.31 -10.43 -21.71
C SER B 86 -8.99 -9.54 -22.91
N LEU B 87 -7.80 -9.73 -23.46
CA LEU B 87 -7.30 -8.85 -24.51
C LEU B 87 -8.11 -9.01 -25.79
N GLY B 88 -8.47 -7.89 -26.41
CA GLY B 88 -9.15 -7.88 -27.68
C GLY B 88 -8.18 -7.77 -28.84
N PRO B 89 -8.71 -7.66 -30.06
CA PRO B 89 -7.83 -7.51 -31.23
C PRO B 89 -7.14 -6.16 -31.27
N VAL B 90 -5.84 -6.11 -31.03
CA VAL B 90 -5.12 -4.84 -30.91
C VAL B 90 -3.80 -4.88 -31.66
N GLY B 91 -3.42 -6.04 -32.18
CA GLY B 91 -2.14 -6.14 -32.88
C GLY B 91 -0.98 -5.99 -31.92
N PHE B 92 0.07 -5.31 -32.38
CA PHE B 92 1.27 -5.13 -31.57
C PHE B 92 1.04 -4.27 -30.34
N MET B 93 -0.13 -3.60 -30.24
CA MET B 93 -0.48 -2.84 -29.05
C MET B 93 -0.68 -3.74 -27.83
N LYS B 94 -0.64 -5.06 -27.99
CA LYS B 94 -0.76 -5.95 -26.84
C LYS B 94 0.37 -5.76 -25.84
N SER B 95 1.48 -5.18 -26.27
CA SER B 95 2.61 -4.92 -25.36
C SER B 95 2.52 -3.58 -24.66
N ALA B 96 1.56 -2.74 -25.01
CA ALA B 96 1.30 -1.54 -24.22
C ALA B 96 0.95 -1.93 -22.80
N ILE B 97 1.42 -1.13 -21.84
CA ILE B 97 1.31 -1.51 -20.43
C ILE B 97 -0.15 -1.69 -20.02
N SER B 98 -1.05 -0.87 -20.58
CA SER B 98 -2.46 -0.99 -20.25
C SER B 98 -3.06 -2.32 -20.70
N LEU B 99 -2.45 -2.99 -21.67
CA LEU B 99 -2.98 -4.23 -22.21
C LEU B 99 -2.07 -5.43 -22.00
N ALA B 100 -0.86 -5.24 -21.47
CA ALA B 100 0.03 -6.35 -21.21
C ALA B 100 -0.51 -7.24 -20.09
N GLU B 101 -0.06 -8.49 -20.09
CA GLU B 101 -0.54 -9.48 -19.14
C GLU B 101 0.60 -10.24 -18.51
N ASP B 102 0.38 -10.69 -17.28
CA ASP B 102 1.22 -11.68 -16.58
C ASP B 102 2.67 -11.17 -16.54
N GLU B 103 3.65 -11.98 -16.92
CA GLU B 103 5.05 -11.59 -16.75
C GLU B 103 5.43 -10.43 -17.64
N GLU B 104 4.79 -10.29 -18.81
CA GLU B 104 5.07 -9.15 -19.67
C GLU B 104 4.66 -7.84 -19.01
N TRP B 105 3.51 -7.83 -18.32
CA TRP B 105 3.10 -6.62 -17.63
C TRP B 105 4.05 -6.29 -16.48
N LYS B 106 4.46 -7.30 -15.72
CA LYS B 106 5.36 -7.07 -14.59
C LYS B 106 6.67 -6.45 -15.05
N ARG B 107 7.22 -6.95 -16.15
CA ARG B 107 8.48 -6.40 -16.67
C ARG B 107 8.31 -4.97 -17.16
N ILE B 108 7.26 -4.72 -17.94
CA ILE B 108 7.10 -3.40 -18.56
C ILE B 108 6.74 -2.35 -17.51
N ARG B 109 5.87 -2.70 -16.56
CA ARG B 109 5.57 -1.79 -15.47
C ARG B 109 6.83 -1.38 -14.71
N SER B 110 7.72 -2.35 -14.45
CA SER B 110 8.97 -2.04 -13.78
C SER B 110 9.82 -1.08 -14.61
N LEU B 111 9.87 -1.29 -15.93
CA LEU B 111 10.72 -0.46 -16.78
C LEU B 111 10.19 0.97 -16.90
N LEU B 112 8.88 1.16 -16.77
CA LEU B 112 8.28 2.47 -16.97
C LEU B 112 8.03 3.26 -15.70
N SER B 113 7.99 2.60 -14.54
CA SER B 113 7.64 3.30 -13.31
C SER B 113 8.60 4.43 -12.94
N PRO B 114 9.91 4.32 -13.16
CA PRO B 114 10.78 5.50 -12.93
C PRO B 114 10.37 6.74 -13.71
N THR B 115 9.66 6.57 -14.83
CA THR B 115 9.26 7.72 -15.64
C THR B 115 8.17 8.54 -14.97
N PHE B 116 7.37 7.95 -14.08
CA PHE B 116 6.18 8.60 -13.56
C PHE B 116 6.26 8.91 -12.08
N THR B 117 7.46 8.98 -11.51
CA THR B 117 7.60 9.39 -10.12
C THR B 117 7.35 10.89 -9.99
N SER B 118 7.01 11.31 -8.76
CA SER B 118 6.83 12.73 -8.50
C SER B 118 8.12 13.50 -8.68
N GLY B 119 9.27 12.85 -8.47
CA GLY B 119 10.54 13.50 -8.75
C GLY B 119 10.71 13.82 -10.23
N LYS B 120 10.39 12.85 -11.10
CA LYS B 120 10.44 13.11 -12.54
C LYS B 120 9.41 14.16 -12.94
N LEU B 121 8.27 14.21 -12.25
CA LEU B 121 7.27 15.23 -12.54
C LEU B 121 7.81 16.63 -12.22
N LYS B 122 8.52 16.76 -11.10
CA LYS B 122 9.07 18.06 -10.71
C LYS B 122 10.05 18.57 -11.76
N GLU B 123 10.94 17.71 -12.24
CA GLU B 123 11.91 18.12 -13.25
C GLU B 123 11.23 18.50 -14.56
N MET B 124 10.14 17.81 -14.92
CA MET B 124 9.44 18.04 -16.17
C MET B 124 8.39 19.13 -16.09
N PHE B 125 8.17 19.70 -14.91
CA PHE B 125 7.15 20.74 -14.73
C PHE B 125 7.26 21.90 -15.71
N PRO B 126 8.43 22.50 -15.96
CA PRO B 126 8.46 23.65 -16.88
C PRO B 126 7.99 23.31 -18.29
N ILE B 127 8.30 22.12 -18.79
CA ILE B 127 7.82 21.70 -20.10
C ILE B 127 6.30 21.62 -20.10
N ILE B 128 5.70 21.15 -19.01
CA ILE B 128 4.25 20.98 -18.95
C ILE B 128 3.56 22.33 -18.83
N ALA B 129 4.08 23.21 -17.98
CA ALA B 129 3.43 24.49 -17.71
C ALA B 129 3.40 25.39 -18.95
N GLN B 130 4.27 25.15 -19.93
CA GLN B 130 4.30 26.00 -21.12
C GLN B 130 2.98 25.94 -21.89
N TYR B 131 2.27 24.83 -21.81
CA TYR B 131 1.02 24.67 -22.55
C TYR B 131 -0.16 25.38 -21.89
N GLY B 132 0.03 25.94 -20.69
CA GLY B 132 -1.00 26.79 -20.12
C GLY B 132 -1.18 28.08 -20.88
N ASP B 133 -0.12 28.59 -21.51
CA ASP B 133 -0.22 29.82 -22.27
C ASP B 133 -1.10 29.64 -23.51
N VAL B 134 -0.92 28.53 -24.23
CA VAL B 134 -1.74 28.27 -25.41
C VAL B 134 -3.20 28.09 -25.03
N LEU B 135 -3.44 27.46 -23.88
CA LEU B 135 -4.83 27.24 -23.44
C LEU B 135 -5.53 28.56 -23.14
N VAL B 136 -4.83 29.49 -22.48
CA VAL B 136 -5.46 30.74 -22.06
C VAL B 136 -5.83 31.58 -23.28
N ARG B 137 -4.92 31.70 -24.25
CA ARG B 137 -5.22 32.51 -25.43
C ARG B 137 -6.27 31.87 -26.32
N ASN B 138 -6.29 30.53 -26.38
CA ASN B 138 -7.37 29.85 -27.09
C ASN B 138 -8.71 30.15 -26.42
N LEU B 139 -8.76 30.10 -25.09
CA LEU B 139 -9.99 30.43 -24.38
C LEU B 139 -10.31 31.91 -24.51
N ARG B 140 -9.28 32.77 -24.55
CA ARG B 140 -9.51 34.19 -24.69
C ARG B 140 -10.10 34.52 -26.05
N ARG B 141 -9.56 33.93 -27.11
CA ARG B 141 -10.04 34.22 -28.46
C ARG B 141 -11.52 33.87 -28.62
N GLU B 142 -12.00 32.86 -27.90
CA GLU B 142 -13.41 32.51 -27.95
C GLU B 142 -14.26 33.30 -26.98
N ALA B 143 -13.68 33.73 -25.85
CA ALA B 143 -14.43 34.54 -24.90
C ALA B 143 -14.53 36.00 -25.37
N GLU B 144 -13.56 36.47 -26.15
CA GLU B 144 -13.64 37.82 -26.69
C GLU B 144 -14.86 38.00 -27.56
N LYS B 145 -15.33 36.93 -28.21
CA LYS B 145 -16.49 37.01 -29.09
C LYS B 145 -17.76 37.37 -28.34
N GLY B 146 -17.76 37.28 -27.01
CA GLY B 146 -18.94 37.52 -26.21
C GLY B 146 -19.94 36.39 -26.18
N LYS B 147 -19.80 35.38 -27.03
CA LYS B 147 -20.69 34.22 -27.04
C LYS B 147 -20.15 33.15 -26.10
N PRO B 148 -21.04 32.49 -25.35
CA PRO B 148 -20.58 31.43 -24.43
C PRO B 148 -19.74 30.39 -25.15
N VAL B 149 -18.80 29.80 -24.40
CA VAL B 149 -17.74 28.98 -24.96
C VAL B 149 -18.06 27.51 -24.75
N THR B 150 -17.78 26.69 -25.76
CA THR B 150 -17.86 25.24 -25.64
C THR B 150 -16.50 24.73 -25.18
N LEU B 151 -16.44 24.23 -23.95
CA LEU B 151 -15.17 23.87 -23.33
C LEU B 151 -14.55 22.62 -23.96
N LYS B 152 -15.38 21.74 -24.54
CA LYS B 152 -14.88 20.47 -25.04
C LYS B 152 -13.79 20.65 -26.09
N ASP B 153 -13.91 21.69 -26.91
CA ASP B 153 -12.88 21.95 -27.91
C ASP B 153 -11.64 22.57 -27.28
N ILE B 154 -11.82 23.47 -26.31
CA ILE B 154 -10.69 24.13 -25.68
C ILE B 154 -9.89 23.14 -24.84
N PHE B 155 -10.56 22.44 -23.93
CA PHE B 155 -9.85 21.51 -23.04
C PHE B 155 -9.40 20.26 -23.76
N GLY B 156 -10.16 19.83 -24.78
CA GLY B 156 -9.68 18.76 -25.63
C GLY B 156 -8.38 19.11 -26.33
N ALA B 157 -8.27 20.36 -26.77
CA ALA B 157 -7.03 20.82 -27.40
C ALA B 157 -5.88 20.84 -26.40
N TYR B 158 -6.12 21.37 -25.21
CA TYR B 158 -5.08 21.38 -24.18
C TYR B 158 -4.63 19.97 -23.84
N SER B 159 -5.59 19.05 -23.68
CA SER B 159 -5.25 17.68 -23.30
C SER B 159 -4.35 17.04 -24.34
N MET B 160 -4.69 17.17 -25.62
CA MET B 160 -3.83 16.63 -26.68
C MET B 160 -2.50 17.37 -26.73
N ASP B 161 -2.52 18.69 -26.54
CA ASP B 161 -1.29 19.47 -26.60
C ASP B 161 -0.31 19.05 -25.51
N VAL B 162 -0.77 19.05 -24.26
CA VAL B 162 0.14 18.86 -23.14
C VAL B 162 0.70 17.43 -23.12
N ILE B 163 -0.13 16.44 -23.47
CA ILE B 163 0.35 15.07 -23.45
C ILE B 163 1.29 14.80 -24.62
N THR B 164 1.07 15.47 -25.76
CA THR B 164 1.98 15.29 -26.89
C THR B 164 3.32 15.97 -26.62
N GLY B 165 3.29 17.14 -25.99
CA GLY B 165 4.53 17.82 -25.65
C GLY B 165 5.32 17.10 -24.57
N THR B 166 4.62 16.53 -23.59
CA THR B 166 5.30 15.76 -22.56
C THR B 166 5.89 14.47 -23.15
N SER B 167 5.33 13.98 -24.25
CA SER B 167 5.79 12.73 -24.84
C SER B 167 6.98 12.95 -25.77
N PHE B 168 6.90 13.96 -26.64
CA PHE B 168 7.89 14.14 -27.68
C PHE B 168 8.56 15.51 -27.66
N GLY B 169 8.23 16.37 -26.71
CA GLY B 169 8.87 17.67 -26.63
C GLY B 169 8.57 18.60 -27.78
N VAL B 170 7.40 18.44 -28.40
CA VAL B 170 7.01 19.25 -29.56
C VAL B 170 5.60 19.77 -29.33
N ASN B 171 5.39 21.06 -29.58
CA ASN B 171 4.08 21.68 -29.50
C ASN B 171 3.36 21.57 -30.84
N ILE B 172 2.12 21.06 -30.82
CA ILE B 172 1.33 20.88 -32.02
C ILE B 172 0.20 21.89 -32.17
N ASP B 173 -0.13 22.64 -31.11
CA ASP B 173 -1.20 23.62 -31.13
C ASP B 173 -2.44 23.08 -31.84
N SER B 174 -2.94 21.96 -31.30
CA SER B 174 -3.98 21.16 -31.95
C SER B 174 -5.16 22.01 -32.44
N LEU B 175 -5.66 22.91 -31.59
CA LEU B 175 -6.85 23.68 -31.93
C LEU B 175 -6.67 24.44 -33.24
N ASN B 176 -5.49 25.03 -33.45
CA ASN B 176 -5.20 25.81 -34.63
C ASN B 176 -4.42 25.04 -35.68
N ASN B 177 -4.39 23.72 -35.57
CA ASN B 177 -3.70 22.85 -36.54
C ASN B 177 -4.55 21.61 -36.80
N PRO B 178 -5.81 21.77 -37.19
CA PRO B 178 -6.66 20.58 -37.39
C PRO B 178 -6.29 19.78 -38.61
N GLN B 179 -5.51 20.33 -39.53
CA GLN B 179 -5.03 19.59 -40.69
C GLN B 179 -3.70 18.91 -40.45
N ASP B 180 -3.04 19.19 -39.32
CA ASP B 180 -1.85 18.44 -38.94
C ASP B 180 -2.19 16.95 -38.87
N PRO B 181 -1.47 16.10 -39.59
CA PRO B 181 -1.79 14.66 -39.56
C PRO B 181 -1.71 14.06 -38.16
N PHE B 182 -0.87 14.61 -37.29
CA PHE B 182 -0.85 14.13 -35.91
C PHE B 182 -2.17 14.45 -35.22
N VAL B 183 -2.67 15.68 -35.36
CA VAL B 183 -3.90 16.06 -34.68
C VAL B 183 -5.08 15.24 -35.19
N GLU B 184 -5.17 15.05 -36.50
CA GLU B 184 -6.28 14.30 -37.07
C GLU B 184 -6.26 12.83 -36.66
N SER B 185 -5.07 12.24 -36.51
CA SER B 185 -4.97 10.81 -36.19
C SER B 185 -5.45 10.52 -34.77
N THR B 186 -4.92 11.28 -33.80
CA THR B 186 -5.28 11.07 -32.38
C THR B 186 -6.71 11.45 -32.13
N LYS B 187 -7.28 12.37 -32.92
CA LYS B 187 -8.68 12.70 -32.70
C LYS B 187 -9.59 11.50 -32.92
N LYS B 188 -9.15 10.52 -33.73
CA LYS B 188 -9.91 9.29 -33.96
C LYS B 188 -9.98 8.38 -32.74
N PHE B 189 -9.15 8.62 -31.72
CA PHE B 189 -9.26 7.85 -30.48
C PHE B 189 -10.57 8.11 -29.75
N LEU B 190 -11.25 9.22 -30.06
CA LEU B 190 -12.47 9.58 -29.35
C LEU B 190 -13.61 8.59 -29.58
N LYS B 191 -13.53 7.76 -30.61
CA LYS B 191 -14.57 6.79 -30.90
C LYS B 191 -14.28 5.41 -30.31
N PHE B 192 -13.35 5.32 -29.35
CA PHE B 192 -12.98 4.00 -28.76
C PHE B 192 -13.94 3.63 -27.64
N GLY B 193 -14.21 2.34 -27.45
CA GLY B 193 -15.01 1.88 -26.31
C GLY B 193 -16.50 2.07 -26.46
N PHE B 194 -16.94 2.52 -27.64
CA PHE B 194 -18.39 2.64 -27.87
C PHE B 194 -18.96 1.25 -28.09
N LEU B 195 -20.25 1.09 -27.81
CA LEU B 195 -20.92 -0.21 -28.05
C LEU B 195 -21.14 -0.34 -29.56
N ASP B 196 -20.06 -0.28 -30.32
CA ASP B 196 -20.11 -0.46 -31.79
C ASP B 196 -20.12 -1.95 -32.10
N PRO B 197 -20.43 -2.38 -33.33
CA PRO B 197 -20.49 -3.81 -33.67
C PRO B 197 -19.23 -4.59 -33.31
N LEU B 198 -18.05 -4.04 -33.59
CA LEU B 198 -16.81 -4.79 -33.33
C LEU B 198 -16.60 -5.01 -31.83
N PHE B 199 -16.76 -3.96 -31.03
CA PHE B 199 -16.59 -4.11 -29.59
C PHE B 199 -17.60 -5.09 -29.00
N LEU B 200 -18.86 -5.00 -29.44
CA LEU B 200 -19.89 -5.89 -28.91
C LEU B 200 -19.62 -7.34 -29.29
N SER B 201 -19.10 -7.59 -30.49
CA SER B 201 -18.82 -8.95 -30.91
C SER B 201 -17.69 -9.57 -30.09
N ILE B 202 -16.74 -8.76 -29.66
CA ILE B 202 -15.66 -9.27 -28.82
C ILE B 202 -16.17 -9.59 -27.43
N ILE B 203 -17.08 -8.76 -26.91
CA ILE B 203 -17.65 -9.02 -25.58
C ILE B 203 -18.57 -10.24 -25.63
N LEU B 204 -19.38 -10.36 -26.68
CA LEU B 204 -20.31 -11.47 -26.78
C LEU B 204 -19.60 -12.75 -27.21
N PHE B 205 -18.68 -12.65 -28.17
CA PHE B 205 -18.00 -13.80 -28.75
C PHE B 205 -16.51 -13.58 -28.69
N PRO B 206 -15.90 -13.74 -27.51
CA PRO B 206 -14.45 -13.48 -27.38
C PRO B 206 -13.59 -14.41 -28.21
N PHE B 207 -14.12 -15.55 -28.65
CA PHE B 207 -13.36 -16.45 -29.51
C PHE B 207 -13.11 -15.86 -30.90
N LEU B 208 -13.77 -14.75 -31.24
CA LEU B 208 -13.54 -14.10 -32.51
C LEU B 208 -12.30 -13.22 -32.51
N THR B 209 -11.72 -12.96 -31.35
CA THR B 209 -10.51 -12.13 -31.29
C THR B 209 -9.36 -12.72 -32.09
N PRO B 210 -9.01 -14.01 -31.95
CA PRO B 210 -7.94 -14.55 -32.82
C PRO B 210 -8.29 -14.49 -34.30
N VAL B 211 -9.58 -14.55 -34.64
CA VAL B 211 -9.99 -14.42 -36.04
C VAL B 211 -9.68 -13.01 -36.54
N PHE B 212 -10.11 -11.99 -35.79
CA PHE B 212 -9.88 -10.62 -36.22
C PHE B 212 -8.41 -10.23 -36.15
N GLU B 213 -7.65 -10.81 -35.22
CA GLU B 213 -6.22 -10.52 -35.16
C GLU B 213 -5.50 -11.01 -36.41
N ALA B 214 -5.83 -12.23 -36.87
CA ALA B 214 -5.24 -12.74 -38.10
C ALA B 214 -5.62 -11.90 -39.31
N LEU B 215 -6.73 -11.18 -39.25
CA LEU B 215 -7.18 -10.32 -40.33
C LEU B 215 -6.66 -8.90 -40.22
N ASN B 216 -5.78 -8.63 -39.26
CA ASN B 216 -5.23 -7.29 -39.02
C ASN B 216 -6.35 -6.27 -38.79
N VAL B 217 -7.37 -6.68 -38.04
CA VAL B 217 -8.44 -5.79 -37.60
C VAL B 217 -8.20 -5.48 -36.12
N SER B 218 -8.33 -4.20 -35.76
CA SER B 218 -8.00 -3.74 -34.42
C SER B 218 -9.14 -2.90 -33.86
N LEU B 219 -9.20 -2.86 -32.53
CA LEU B 219 -10.13 -1.97 -31.84
C LEU B 219 -9.68 -0.51 -31.89
N PHE B 220 -8.37 -0.28 -32.09
CA PHE B 220 -7.79 1.03 -32.29
C PHE B 220 -7.89 1.43 -33.75
N PRO B 221 -7.92 2.73 -34.06
CA PRO B 221 -7.84 3.16 -35.46
C PRO B 221 -6.52 2.74 -36.10
N LYS B 222 -6.59 1.76 -37.01
CA LYS B 222 -5.37 1.20 -37.61
C LYS B 222 -4.51 2.29 -38.23
N ASP B 223 -5.13 3.25 -38.92
CA ASP B 223 -4.37 4.34 -39.52
C ASP B 223 -3.67 5.18 -38.47
N THR B 224 -4.36 5.44 -37.35
CA THR B 224 -3.75 6.21 -36.27
C THR B 224 -2.56 5.49 -35.66
N ILE B 225 -2.69 4.18 -35.45
CA ILE B 225 -1.58 3.41 -34.86
C ILE B 225 -0.36 3.43 -35.77
N ASN B 226 -0.58 3.21 -37.07
CA ASN B 226 0.54 3.14 -38.01
C ASN B 226 1.22 4.50 -38.17
N PHE B 227 0.43 5.58 -38.18
CA PHE B 227 1.01 6.91 -38.28
C PHE B 227 1.87 7.21 -37.06
N LEU B 228 1.33 6.99 -35.86
CA LEU B 228 2.06 7.29 -34.63
C LEU B 228 3.31 6.42 -34.52
N SER B 229 3.22 5.16 -34.95
CA SER B 229 4.39 4.29 -34.92
C SER B 229 5.48 4.82 -35.84
N LYS B 230 5.10 5.37 -36.99
CA LYS B 230 6.09 5.95 -37.90
C LYS B 230 6.73 7.21 -37.31
N SER B 231 5.92 8.06 -36.67
CA SER B 231 6.45 9.28 -36.07
C SER B 231 7.45 8.97 -34.97
N VAL B 232 7.26 7.86 -34.27
CA VAL B 232 8.19 7.53 -33.15
C VAL B 232 9.54 7.09 -33.75
N ASN B 233 9.51 6.24 -34.77
CA ASN B 233 10.78 5.72 -35.37
C ASN B 233 11.56 6.88 -36.01
N ARG B 234 10.85 7.73 -36.73
CA ARG B 234 11.49 8.91 -37.35
C ARG B 234 12.19 9.74 -36.26
N MET B 235 11.50 9.97 -35.15
CA MET B 235 12.06 10.85 -34.10
C MET B 235 13.28 10.16 -33.46
N LYS B 236 13.23 8.85 -33.23
CA LYS B 236 14.44 8.19 -32.69
C LYS B 236 15.61 8.42 -33.64
N LYS B 237 15.38 8.15 -34.93
CA LYS B 237 16.50 8.29 -35.90
C LYS B 237 17.03 9.73 -35.86
N SER B 238 16.14 10.71 -35.83
CA SER B 238 16.59 12.12 -35.89
C SER B 238 17.38 12.46 -34.63
N ARG B 239 16.91 12.04 -33.49
CA ARG B 239 17.59 12.34 -32.20
C ARG B 239 18.99 11.72 -32.23
N LEU B 240 19.15 10.58 -32.92
CA LEU B 240 20.55 10.06 -33.02
C LEU B 240 21.50 11.10 -33.65
N ASN B 241 21.03 12.23 -34.18
CA ASN B 241 21.80 13.31 -34.80
C ASN B 241 21.57 14.63 -34.07
N ARG B 247 17.39 16.21 -24.62
CA ARG B 247 15.93 16.28 -24.66
C ARG B 247 15.30 15.63 -23.44
N LEU B 248 14.29 16.27 -22.88
CA LEU B 248 13.56 15.76 -21.73
C LEU B 248 12.10 15.56 -22.13
N ASP B 249 11.70 14.30 -22.30
CA ASP B 249 10.32 13.94 -22.63
C ASP B 249 10.16 12.45 -22.40
N PHE B 250 8.90 11.98 -22.53
CA PHE B 250 8.61 10.56 -22.32
C PHE B 250 9.43 9.69 -23.27
N LEU B 251 9.53 10.08 -24.54
CA LEU B 251 10.23 9.25 -25.52
C LEU B 251 11.71 9.14 -25.20
N GLN B 252 12.35 10.27 -24.89
CA GLN B 252 13.78 10.25 -24.62
C GLN B 252 14.09 9.41 -23.37
N LEU B 253 13.26 9.50 -22.34
CA LEU B 253 13.44 8.68 -21.16
C LEU B 253 13.39 7.20 -21.52
N MET B 254 12.49 6.82 -22.42
CA MET B 254 12.40 5.43 -22.84
C MET B 254 13.57 5.04 -23.74
N ILE B 255 14.06 5.96 -24.56
CA ILE B 255 15.25 5.69 -25.39
C ILE B 255 16.45 5.41 -24.50
N ASP B 256 16.67 6.26 -23.49
CA ASP B 256 17.79 6.06 -22.57
C ASP B 256 17.70 4.72 -21.87
N SER B 257 16.49 4.30 -21.50
CA SER B 257 16.30 3.02 -20.83
C SER B 257 16.73 1.85 -21.72
N GLN B 258 16.61 1.99 -23.03
CA GLN B 258 17.01 0.91 -23.93
C GLN B 258 18.51 0.65 -23.86
N ASN B 259 19.30 1.67 -23.56
CA ASN B 259 20.75 1.51 -23.44
C ASN B 259 21.18 1.46 -21.97
N LYS B 267 15.01 -8.04 -19.76
CA LYS B 267 15.61 -7.25 -20.82
C LYS B 267 15.03 -5.84 -20.82
N ALA B 268 15.50 -5.02 -21.76
CA ALA B 268 15.08 -3.63 -21.86
C ALA B 268 13.94 -3.52 -22.88
N LEU B 269 13.39 -2.32 -23.00
CA LEU B 269 12.29 -2.11 -23.93
C LEU B 269 12.75 -2.35 -25.35
N SER B 270 12.01 -3.20 -26.06
CA SER B 270 12.23 -3.43 -27.47
C SER B 270 11.69 -2.25 -28.29
N ASP B 271 12.11 -2.19 -29.55
CA ASP B 271 11.65 -1.11 -30.41
C ASP B 271 10.13 -1.18 -30.60
N LEU B 272 9.58 -2.39 -30.71
CA LEU B 272 8.13 -2.54 -30.81
C LEU B 272 7.45 -2.14 -29.50
N GLU B 273 7.99 -2.60 -28.37
CA GLU B 273 7.38 -2.29 -27.08
C GLU B 273 7.45 -0.80 -26.76
N LEU B 274 8.56 -0.15 -27.12
CA LEU B 274 8.70 1.28 -26.89
C LEU B 274 7.59 2.06 -27.60
N ALA B 275 7.36 1.76 -28.88
CA ALA B 275 6.33 2.46 -29.63
C ALA B 275 4.95 2.24 -29.02
N ALA B 276 4.69 1.02 -28.54
CA ALA B 276 3.39 0.73 -27.92
C ALA B 276 3.17 1.60 -26.69
N GLN B 277 4.19 1.77 -25.85
CA GLN B 277 4.05 2.64 -24.69
C GLN B 277 3.82 4.08 -25.10
N SER B 278 4.57 4.56 -26.10
CA SER B 278 4.42 5.93 -26.56
C SER B 278 3.00 6.21 -27.03
N ILE B 279 2.42 5.29 -27.80
CA ILE B 279 1.06 5.50 -28.30
C ILE B 279 0.06 5.44 -27.15
N ILE B 280 0.22 4.48 -26.24
CA ILE B 280 -0.77 4.30 -25.17
C ILE B 280 -0.77 5.48 -24.21
N PHE B 281 0.36 6.19 -24.09
CA PHE B 281 0.39 7.36 -23.21
C PHE B 281 -0.46 8.49 -23.77
N ILE B 282 -0.38 8.72 -25.08
CA ILE B 282 -1.23 9.72 -25.72
C ILE B 282 -2.70 9.31 -25.60
N PHE B 283 -3.00 8.04 -25.87
CA PHE B 283 -4.38 7.57 -25.79
C PHE B 283 -4.94 7.74 -24.38
N ALA B 284 -4.15 7.37 -23.37
CA ALA B 284 -4.66 7.40 -21.99
C ALA B 284 -4.93 8.83 -21.53
N GLY B 285 -3.98 9.74 -21.77
CA GLY B 285 -4.11 11.09 -21.26
C GLY B 285 -5.03 11.99 -22.04
N TYR B 286 -5.39 11.61 -23.27
CA TYR B 286 -6.13 12.50 -24.15
C TYR B 286 -7.57 12.73 -23.67
N GLU B 287 -8.41 11.71 -23.77
CA GLU B 287 -9.84 11.90 -23.55
C GLU B 287 -10.15 12.11 -22.07
N THR B 288 -9.52 11.33 -21.18
CA THR B 288 -9.84 11.41 -19.76
C THR B 288 -9.57 12.80 -19.21
N THR B 289 -8.38 13.35 -19.48
CA THR B 289 -8.01 14.65 -18.94
C THR B 289 -8.96 15.74 -19.40
N SER B 290 -9.33 15.73 -20.68
CA SER B 290 -10.27 16.73 -21.19
C SER B 290 -11.63 16.61 -20.51
N SER B 291 -12.09 15.38 -20.31
CA SER B 291 -13.41 15.16 -19.72
C SER B 291 -13.47 15.67 -18.28
N VAL B 292 -12.46 15.33 -17.47
CA VAL B 292 -12.45 15.76 -16.07
C VAL B 292 -12.40 17.28 -15.97
N LEU B 293 -11.63 17.91 -16.86
CA LEU B 293 -11.56 19.38 -16.85
C LEU B 293 -12.92 19.99 -17.18
N SER B 294 -13.63 19.43 -18.16
CA SER B 294 -14.96 19.93 -18.48
C SER B 294 -15.91 19.72 -17.30
N PHE B 295 -15.84 18.54 -16.67
CA PHE B 295 -16.65 18.28 -15.49
C PHE B 295 -16.33 19.27 -14.37
N THR B 296 -15.05 19.60 -14.19
CA THR B 296 -14.66 20.50 -13.10
C THR B 296 -15.21 21.90 -13.32
N LEU B 297 -15.14 22.40 -14.56
CA LEU B 297 -15.58 23.77 -14.82
C LEU B 297 -17.10 23.89 -14.77
N TYR B 298 -17.81 22.80 -15.05
CA TYR B 298 -19.26 22.82 -14.85
C TYR B 298 -19.59 22.94 -13.36
N GLU B 299 -18.88 22.21 -12.51
CA GLU B 299 -19.13 22.29 -11.07
C GLU B 299 -18.73 23.65 -10.51
N LEU B 300 -17.64 24.22 -11.02
CA LEU B 300 -17.23 25.55 -10.57
C LEU B 300 -18.24 26.61 -10.99
N ALA B 301 -18.76 26.51 -12.22
CA ALA B 301 -19.73 27.50 -12.69
C ALA B 301 -21.05 27.40 -11.93
N THR B 302 -21.48 26.18 -11.62
CA THR B 302 -22.74 25.98 -10.89
C THR B 302 -22.56 26.14 -9.38
N HIS B 303 -21.34 26.33 -8.91
CA HIS B 303 -21.06 26.60 -7.50
C HIS B 303 -20.11 27.80 -7.44
N PRO B 304 -20.65 29.01 -7.64
CA PRO B 304 -19.76 30.19 -7.72
C PRO B 304 -19.01 30.46 -6.43
N ASP B 305 -19.58 30.09 -5.28
CA ASP B 305 -18.86 30.24 -4.02
C ASP B 305 -17.56 29.42 -4.01
N VAL B 306 -17.63 28.18 -4.49
CA VAL B 306 -16.43 27.35 -4.57
C VAL B 306 -15.43 27.97 -5.55
N GLN B 307 -15.92 28.47 -6.68
CA GLN B 307 -15.03 29.07 -7.68
C GLN B 307 -14.31 30.29 -7.11
N GLN B 308 -15.01 31.11 -6.34
CA GLN B 308 -14.39 32.30 -5.77
C GLN B 308 -13.43 31.93 -4.64
N LYS B 309 -13.79 30.92 -3.84
CA LYS B 309 -12.87 30.42 -2.82
C LYS B 309 -11.60 29.86 -3.45
N LEU B 310 -11.75 29.14 -4.57
CA LEU B 310 -10.58 28.64 -5.27
C LEU B 310 -9.77 29.78 -5.88
N GLN B 311 -10.46 30.76 -6.49
CA GLN B 311 -9.77 31.90 -7.07
C GLN B 311 -8.99 32.68 -6.02
N LYS B 312 -9.50 32.75 -4.79
CA LYS B 312 -8.76 33.43 -3.73
C LYS B 312 -7.47 32.70 -3.39
N GLU B 313 -7.50 31.37 -3.37
CA GLU B 313 -6.30 30.60 -3.06
C GLU B 313 -5.25 30.75 -4.15
N ILE B 314 -5.66 30.71 -5.42
CA ILE B 314 -4.73 30.94 -6.52
C ILE B 314 -4.08 32.31 -6.40
N ASP B 315 -4.90 33.34 -6.16
CA ASP B 315 -4.37 34.70 -6.07
C ASP B 315 -3.44 34.87 -4.88
N ALA B 316 -3.69 34.14 -3.78
CA ALA B 316 -2.83 34.26 -2.61
C ALA B 316 -1.50 33.56 -2.81
N VAL B 317 -1.48 32.46 -3.57
CA VAL B 317 -0.25 31.71 -3.78
C VAL B 317 0.54 32.25 -4.96
N LEU B 318 -0.15 32.68 -6.02
CA LEU B 318 0.48 33.25 -7.22
C LEU B 318 -0.05 34.66 -7.40
N PRO B 319 0.42 35.62 -6.60
CA PRO B 319 -0.04 37.00 -6.75
C PRO B 319 0.40 37.59 -8.08
N ASN B 320 -0.37 38.56 -8.56
CA ASN B 320 -0.07 39.26 -9.81
C ASN B 320 -0.06 38.31 -11.00
N LYS B 321 -0.85 37.25 -10.92
CA LYS B 321 -0.91 36.22 -11.95
C LYS B 321 0.48 35.64 -12.23
N ALA B 322 1.22 35.37 -11.17
CA ALA B 322 2.57 34.83 -11.30
C ALA B 322 2.52 33.45 -11.94
N PRO B 323 3.46 33.13 -12.83
CA PRO B 323 3.50 31.78 -13.44
C PRO B 323 3.61 30.71 -12.37
N PRO B 324 2.84 29.63 -12.50
CA PRO B 324 2.88 28.56 -11.49
C PRO B 324 4.23 27.87 -11.44
N THR B 325 4.59 27.43 -10.24
CA THR B 325 5.73 26.54 -10.03
C THR B 325 5.23 25.25 -9.42
N TYR B 326 6.06 24.20 -9.49
CA TYR B 326 5.67 22.91 -8.93
C TYR B 326 5.35 23.03 -7.45
N ASP B 327 6.17 23.75 -6.69
CA ASP B 327 5.91 23.90 -5.27
C ASP B 327 4.67 24.75 -5.01
N ALA B 328 4.36 25.68 -5.92
CA ALA B 328 3.14 26.46 -5.78
C ALA B 328 1.89 25.59 -5.97
N VAL B 329 1.91 24.70 -6.95
CA VAL B 329 0.75 23.85 -7.21
C VAL B 329 0.54 22.87 -6.06
N VAL B 330 1.62 22.26 -5.57
CA VAL B 330 1.51 21.30 -4.46
C VAL B 330 0.96 21.97 -3.21
N GLN B 331 1.15 23.28 -3.09
CA GLN B 331 0.72 24.03 -1.92
C GLN B 331 -0.77 24.31 -1.87
N MET B 332 -1.48 24.19 -2.99
CA MET B 332 -2.87 24.61 -3.11
C MET B 332 -3.79 23.49 -2.64
N GLU B 333 -4.11 23.51 -1.34
CA GLU B 333 -4.92 22.44 -0.77
C GLU B 333 -6.35 22.44 -1.31
N TYR B 334 -6.98 23.61 -1.42
CA TYR B 334 -8.36 23.66 -1.87
C TYR B 334 -8.49 23.20 -3.32
N LEU B 335 -7.49 23.53 -4.14
CA LEU B 335 -7.49 23.05 -5.53
C LEU B 335 -7.43 21.52 -5.56
N ASP B 336 -6.68 20.92 -4.64
CA ASP B 336 -6.66 19.47 -4.53
C ASP B 336 -8.03 18.94 -4.12
N MET B 337 -8.70 19.63 -3.18
CA MET B 337 -10.03 19.20 -2.76
C MET B 337 -11.03 19.30 -3.91
N VAL B 338 -10.91 20.34 -4.73
CA VAL B 338 -11.86 20.53 -5.83
C VAL B 338 -11.68 19.45 -6.88
N VAL B 339 -10.43 19.12 -7.21
CA VAL B 339 -10.17 18.06 -8.19
C VAL B 339 -10.62 16.71 -7.65
N ASN B 340 -10.30 16.41 -6.39
CA ASN B 340 -10.69 15.14 -5.80
C ASN B 340 -12.21 14.97 -5.80
N GLU B 341 -12.94 16.02 -5.41
CA GLU B 341 -14.40 15.92 -5.35
C GLU B 341 -15.01 15.82 -6.74
N THR B 342 -14.40 16.45 -7.75
CA THR B 342 -14.86 16.27 -9.11
C THR B 342 -14.68 14.82 -9.55
N LEU B 343 -13.55 14.20 -9.18
CA LEU B 343 -13.31 12.82 -9.53
C LEU B 343 -14.18 11.85 -8.74
N ARG B 344 -14.66 12.25 -7.56
CA ARG B 344 -15.64 11.44 -6.87
C ARG B 344 -16.96 11.39 -7.64
N LEU B 345 -17.47 12.55 -8.05
CA LEU B 345 -18.73 12.60 -8.77
C LEU B 345 -18.60 11.94 -10.14
N PHE B 346 -17.48 12.15 -10.84
CA PHE B 346 -17.30 11.71 -12.21
C PHE B 346 -16.01 10.91 -12.36
N PRO B 347 -15.95 9.70 -11.79
CA PRO B 347 -14.79 8.82 -12.09
C PRO B 347 -14.90 8.26 -13.50
N VAL B 348 -14.23 8.92 -14.45
CA VAL B 348 -14.49 8.70 -15.86
C VAL B 348 -14.30 7.26 -16.30
N ALA B 349 -13.51 6.48 -15.57
CA ALA B 349 -13.34 5.07 -15.91
C ALA B 349 -14.49 4.19 -15.42
N ILE B 350 -15.37 4.73 -14.57
CA ILE B 350 -16.61 4.08 -14.12
C ILE B 350 -16.32 2.91 -13.18
N ARG B 351 -15.46 1.98 -13.59
CA ARG B 351 -15.24 0.77 -12.81
C ARG B 351 -13.81 0.30 -12.97
N LEU B 352 -13.41 -0.62 -12.10
CA LEU B 352 -12.14 -1.33 -12.19
C LEU B 352 -12.43 -2.78 -12.51
N GLU B 353 -11.53 -3.42 -13.27
CA GLU B 353 -11.75 -4.78 -13.71
C GLU B 353 -10.50 -5.62 -13.53
N ARG B 354 -10.69 -6.86 -13.07
CA ARG B 354 -9.64 -7.85 -12.95
C ARG B 354 -10.20 -9.20 -13.40
N THR B 355 -9.30 -10.07 -13.85
CA THR B 355 -9.65 -11.42 -14.28
C THR B 355 -8.99 -12.44 -13.36
N CYS B 356 -9.72 -13.49 -13.03
CA CYS B 356 -9.17 -14.59 -12.22
C CYS B 356 -8.27 -15.44 -13.08
N LYS B 357 -6.96 -15.39 -12.83
CA LYS B 357 -6.02 -16.22 -13.58
C LYS B 357 -6.12 -17.69 -13.16
N LYS B 358 -6.79 -17.98 -12.06
CA LYS B 358 -6.97 -19.34 -11.55
C LYS B 358 -8.27 -19.38 -10.76
N ASP B 359 -8.72 -20.60 -10.46
CA ASP B 359 -9.85 -20.74 -9.54
C ASP B 359 -9.50 -20.11 -8.20
N VAL B 360 -10.46 -19.39 -7.62
CA VAL B 360 -10.19 -18.60 -6.42
C VAL B 360 -11.46 -18.49 -5.60
N GLU B 361 -11.28 -18.44 -4.28
CA GLU B 361 -12.37 -18.21 -3.33
C GLU B 361 -12.35 -16.74 -2.91
N ILE B 362 -13.35 -16.00 -3.35
CA ILE B 362 -13.48 -14.58 -3.03
C ILE B 362 -14.55 -14.45 -1.97
N ASN B 363 -14.15 -14.17 -0.73
CA ASN B 363 -15.08 -14.05 0.40
C ASN B 363 -15.92 -15.31 0.55
N GLY B 364 -15.25 -16.47 0.47
CA GLY B 364 -15.91 -17.75 0.65
C GLY B 364 -16.76 -18.23 -0.50
N VAL B 365 -16.69 -17.61 -1.67
CA VAL B 365 -17.43 -18.05 -2.85
C VAL B 365 -16.43 -18.51 -3.91
N PHE B 366 -16.65 -19.70 -4.46
CA PHE B 366 -15.76 -20.25 -5.47
C PHE B 366 -16.03 -19.57 -6.81
N ILE B 367 -14.97 -19.01 -7.40
CA ILE B 367 -15.05 -18.31 -8.67
C ILE B 367 -14.13 -19.02 -9.67
N PRO B 368 -14.64 -19.48 -10.80
CA PRO B 368 -13.80 -20.26 -11.73
C PRO B 368 -12.79 -19.38 -12.47
N LYS B 369 -11.73 -20.03 -12.93
CA LYS B 369 -10.71 -19.38 -13.73
C LYS B 369 -11.34 -18.69 -14.95
N GLY B 370 -10.87 -17.48 -15.23
CA GLY B 370 -11.32 -16.72 -16.37
C GLY B 370 -12.42 -15.71 -16.07
N SER B 371 -13.09 -15.84 -14.93
CA SER B 371 -14.15 -14.90 -14.60
C SER B 371 -13.58 -13.52 -14.32
N MET B 372 -14.44 -12.51 -14.48
CA MET B 372 -14.07 -11.12 -14.24
C MET B 372 -14.60 -10.65 -12.89
N VAL B 373 -13.80 -9.86 -12.19
CA VAL B 373 -14.21 -9.20 -10.96
C VAL B 373 -14.25 -7.70 -11.21
N VAL B 374 -15.35 -7.07 -10.82
CA VAL B 374 -15.57 -5.65 -11.07
C VAL B 374 -15.64 -4.92 -9.73
N ILE B 375 -14.84 -3.87 -9.59
CA ILE B 375 -14.96 -2.95 -8.47
C ILE B 375 -15.71 -1.73 -8.99
N PRO B 376 -17.00 -1.58 -8.68
CA PRO B 376 -17.82 -0.50 -9.27
C PRO B 376 -17.53 0.85 -8.64
N THR B 377 -16.48 1.51 -9.17
CA THR B 377 -16.03 2.78 -8.62
C THR B 377 -17.16 3.80 -8.57
N TYR B 378 -17.88 3.98 -9.68
CA TYR B 378 -18.94 4.99 -9.73
C TYR B 378 -20.00 4.73 -8.67
N ALA B 379 -20.50 3.50 -8.59
CA ALA B 379 -21.52 3.18 -7.59
C ALA B 379 -21.01 3.42 -6.18
N LEU B 380 -19.76 3.03 -5.91
CA LEU B 380 -19.19 3.24 -4.59
C LEU B 380 -18.95 4.71 -4.31
N HIS B 381 -18.66 5.50 -5.34
CA HIS B 381 -18.47 6.93 -5.16
C HIS B 381 -19.78 7.66 -4.83
N HIS B 382 -20.92 7.10 -5.21
CA HIS B 382 -22.21 7.71 -4.97
C HIS B 382 -23.01 6.99 -3.87
N ASP B 383 -22.34 6.15 -3.09
CA ASP B 383 -23.00 5.39 -2.04
C ASP B 383 -23.28 6.28 -0.83
N PRO B 384 -24.55 6.47 -0.44
CA PRO B 384 -24.82 7.26 0.78
C PRO B 384 -24.28 6.64 2.05
N LYS B 385 -23.91 5.35 2.03
CA LYS B 385 -23.31 4.73 3.21
C LYS B 385 -21.95 5.36 3.53
N TYR B 386 -21.23 5.85 2.52
CA TYR B 386 -19.90 6.41 2.72
C TYR B 386 -19.84 7.92 2.56
N TRP B 387 -20.79 8.54 1.85
CA TRP B 387 -20.72 9.95 1.53
C TRP B 387 -22.04 10.61 1.89
N THR B 388 -22.01 11.59 2.79
CA THR B 388 -23.22 12.35 3.13
C THR B 388 -23.68 13.13 1.92
N GLU B 389 -24.97 13.03 1.58
CA GLU B 389 -25.50 13.70 0.37
C GLU B 389 -24.56 13.40 -0.80
N PRO B 390 -24.50 12.16 -1.31
CA PRO B 390 -23.47 11.83 -2.32
C PRO B 390 -23.63 12.57 -3.63
N GLU B 391 -24.81 13.10 -3.93
CA GLU B 391 -25.02 13.81 -5.18
C GLU B 391 -24.60 15.27 -5.12
N GLU B 392 -24.25 15.77 -3.95
CA GLU B 392 -23.89 17.21 -3.83
C GLU B 392 -22.38 17.38 -4.03
N PHE B 393 -21.96 18.46 -4.69
CA PHE B 393 -20.52 18.75 -4.87
C PHE B 393 -20.02 19.47 -3.64
N ARG B 394 -19.18 18.81 -2.85
CA ARG B 394 -18.66 19.40 -1.59
C ARG B 394 -17.15 19.14 -1.48
N PRO B 395 -16.27 20.02 -2.01
CA PRO B 395 -14.84 19.83 -1.88
C PRO B 395 -14.40 19.59 -0.44
N GLU B 396 -15.16 20.07 0.54
CA GLU B 396 -14.82 19.92 1.97
C GLU B 396 -14.79 18.46 2.46
N ARG B 397 -15.34 17.50 1.71
CA ARG B 397 -15.20 16.10 2.12
C ARG B 397 -13.74 15.71 2.23
N PHE B 398 -12.89 16.27 1.36
CA PHE B 398 -11.49 15.91 1.26
C PHE B 398 -10.58 16.82 2.07
N SER B 399 -11.15 17.55 3.03
CA SER B 399 -10.35 18.42 3.88
C SER B 399 -9.46 17.60 4.82
N LYS B 400 -8.28 18.14 5.11
CA LYS B 400 -7.35 17.50 6.04
C LYS B 400 -7.89 17.46 7.46
N LYS B 401 -8.99 18.14 7.74
CA LYS B 401 -9.61 18.13 9.06
C LYS B 401 -10.64 17.02 9.21
N LYS B 402 -10.86 16.22 8.17
CA LYS B 402 -11.80 15.11 8.22
C LYS B 402 -11.04 13.80 8.34
N ASP B 403 -11.79 12.71 8.47
CA ASP B 403 -11.18 11.40 8.57
C ASP B 403 -10.72 10.93 7.20
N SER B 404 -9.71 10.07 7.20
CA SER B 404 -9.10 9.65 5.94
C SER B 404 -10.08 8.87 5.08
N ILE B 405 -10.03 9.14 3.78
CA ILE B 405 -10.92 8.48 2.83
C ILE B 405 -10.43 7.07 2.61
N ASP B 406 -11.33 6.10 2.67
CA ASP B 406 -10.97 4.71 2.45
C ASP B 406 -10.43 4.58 1.03
N PRO B 407 -9.18 4.12 0.85
CA PRO B 407 -8.61 4.04 -0.50
C PRO B 407 -9.18 2.91 -1.35
N TYR B 408 -10.06 2.08 -0.81
CA TYR B 408 -10.73 1.04 -1.58
C TYR B 408 -12.17 1.40 -1.94
N ILE B 409 -12.70 2.48 -1.37
CA ILE B 409 -13.98 3.03 -1.81
C ILE B 409 -13.77 4.10 -2.87
N TYR B 410 -12.83 5.01 -2.63
CA TYR B 410 -12.52 6.11 -3.53
C TYR B 410 -11.38 5.67 -4.44
N THR B 411 -11.71 5.26 -5.66
CA THR B 411 -10.74 4.70 -6.60
C THR B 411 -10.87 5.33 -7.99
N PRO B 412 -10.75 6.65 -8.11
CA PRO B 412 -10.80 7.26 -9.45
C PRO B 412 -9.61 6.87 -10.32
N PHE B 413 -8.46 6.56 -9.71
CA PHE B 413 -7.29 6.09 -10.44
C PHE B 413 -6.99 4.62 -10.16
N GLY B 414 -7.95 3.89 -9.60
CA GLY B 414 -7.67 2.55 -9.15
C GLY B 414 -6.74 2.58 -7.95
N THR B 415 -6.26 1.39 -7.57
CA THR B 415 -5.33 1.27 -6.46
C THR B 415 -4.63 -0.07 -6.55
N GLY B 416 -3.53 -0.19 -5.82
CA GLY B 416 -2.71 -1.38 -5.86
C GLY B 416 -1.69 -1.33 -6.98
N PRO B 417 -1.02 -2.45 -7.23
CA PRO B 417 0.06 -2.45 -8.23
C PRO B 417 -0.39 -2.14 -9.65
N ARG B 418 -1.67 -2.32 -9.97
CA ARG B 418 -2.17 -2.08 -11.32
C ARG B 418 -2.88 -0.74 -11.45
N ASN B 419 -2.62 0.20 -10.55
CA ASN B 419 -3.30 1.48 -10.58
C ASN B 419 -2.79 2.33 -11.77
N CYS B 420 -3.34 3.53 -11.88
CA CYS B 420 -2.98 4.44 -12.95
C CYS B 420 -1.53 4.90 -12.79
N ILE B 421 -0.67 4.48 -13.72
CA ILE B 421 0.74 4.84 -13.63
C ILE B 421 0.94 6.33 -13.89
N GLY B 422 0.04 6.97 -14.63
CA GLY B 422 0.19 8.36 -14.98
C GLY B 422 -0.60 9.30 -14.09
N MET B 423 -1.01 8.80 -12.92
CA MET B 423 -1.89 9.55 -12.04
C MET B 423 -1.29 10.90 -11.64
N ARG B 424 -0.04 10.91 -11.18
CA ARG B 424 0.57 12.15 -10.71
C ARG B 424 0.71 13.17 -11.85
N PHE B 425 1.08 12.71 -13.04
CA PHE B 425 1.15 13.61 -14.18
C PHE B 425 -0.23 14.12 -14.57
N ALA B 426 -1.25 13.26 -14.48
CA ALA B 426 -2.61 13.67 -14.81
C ALA B 426 -3.11 14.75 -13.86
N LEU B 427 -2.88 14.56 -12.56
CA LEU B 427 -3.26 15.58 -11.58
C LEU B 427 -2.54 16.90 -11.86
N MET B 428 -1.25 16.84 -12.17
CA MET B 428 -0.50 18.05 -12.49
C MET B 428 -1.07 18.75 -13.73
N ASN B 429 -1.30 17.98 -14.80
CA ASN B 429 -1.84 18.57 -16.03
C ASN B 429 -3.16 19.28 -15.78
N MET B 430 -4.04 18.69 -14.96
CA MET B 430 -5.35 19.29 -14.73
C MET B 430 -5.24 20.51 -13.83
N LYS B 431 -4.44 20.43 -12.76
CA LYS B 431 -4.28 21.56 -11.87
C LYS B 431 -3.69 22.76 -12.59
N LEU B 432 -2.69 22.53 -13.43
CA LEU B 432 -2.07 23.62 -14.19
C LEU B 432 -3.11 24.31 -15.08
N ALA B 433 -3.92 23.52 -15.79
CA ALA B 433 -4.96 24.10 -16.64
C ALA B 433 -5.96 24.89 -15.80
N LEU B 434 -6.37 24.34 -14.65
CA LEU B 434 -7.33 25.04 -13.81
C LEU B 434 -6.75 26.33 -13.26
N ILE B 435 -5.47 26.32 -12.87
CA ILE B 435 -4.85 27.52 -12.32
C ILE B 435 -4.86 28.64 -13.35
N ARG B 436 -4.41 28.35 -14.57
CA ARG B 436 -4.26 29.38 -15.58
C ARG B 436 -5.61 29.98 -15.97
N VAL B 437 -6.62 29.15 -16.21
CA VAL B 437 -7.91 29.66 -16.66
C VAL B 437 -8.59 30.46 -15.56
N LEU B 438 -8.44 30.03 -14.30
CA LEU B 438 -9.05 30.76 -13.19
C LEU B 438 -8.28 32.02 -12.83
N GLN B 439 -7.01 32.12 -13.23
CA GLN B 439 -6.28 33.37 -13.07
C GLN B 439 -6.80 34.44 -14.01
N ASN B 440 -7.29 34.04 -15.19
CA ASN B 440 -7.67 34.99 -16.24
C ASN B 440 -9.17 35.14 -16.40
N PHE B 441 -9.96 34.15 -16.02
CA PHE B 441 -11.38 34.13 -16.36
C PHE B 441 -12.23 33.73 -15.17
N SER B 442 -13.51 34.07 -15.26
CA SER B 442 -14.54 33.59 -14.37
C SER B 442 -15.61 32.90 -15.19
N PHE B 443 -16.21 31.86 -14.63
CA PHE B 443 -17.13 30.99 -15.35
C PHE B 443 -18.49 31.04 -14.67
N LYS B 444 -19.53 31.22 -15.46
CA LYS B 444 -20.90 31.28 -14.97
C LYS B 444 -21.80 30.53 -15.94
N PRO B 445 -22.89 29.94 -15.45
CA PRO B 445 -23.81 29.24 -16.34
C PRO B 445 -24.59 30.23 -17.19
N CYS B 446 -25.07 29.74 -18.32
CA CYS B 446 -25.91 30.53 -19.22
C CYS B 446 -27.24 29.81 -19.42
N LYS B 447 -28.01 30.28 -20.40
CA LYS B 447 -29.28 29.64 -20.73
C LYS B 447 -29.10 28.37 -21.55
N GLU B 448 -27.86 28.10 -21.95
CA GLU B 448 -27.54 26.88 -22.74
C GLU B 448 -26.91 25.79 -21.85
N THR B 449 -26.54 26.15 -20.61
CA THR B 449 -25.89 25.17 -19.74
C THR B 449 -26.92 24.14 -19.36
N GLN B 450 -26.73 22.89 -19.81
CA GLN B 450 -27.68 21.82 -19.40
C GLN B 450 -27.60 21.77 -17.89
N ILE B 451 -28.67 22.23 -17.25
CA ILE B 451 -28.73 22.18 -15.77
C ILE B 451 -30.03 21.42 -15.45
N PRO B 452 -30.04 20.40 -14.58
CA PRO B 452 -28.91 19.51 -14.33
C PRO B 452 -28.12 18.91 -15.48
N LEU B 453 -26.87 18.51 -15.20
CA LEU B 453 -25.99 17.89 -16.23
C LEU B 453 -26.39 16.43 -16.39
N LYS B 454 -26.33 15.94 -17.62
CA LYS B 454 -26.69 14.54 -17.92
C LYS B 454 -25.43 13.85 -18.46
N LEU B 455 -25.30 12.57 -18.12
CA LEU B 455 -24.11 11.82 -18.52
C LEU B 455 -24.41 11.01 -19.78
N ASP B 456 -23.38 10.73 -20.56
CA ASP B 456 -23.51 9.85 -21.71
C ASP B 456 -23.72 8.41 -21.24
N THR B 457 -23.89 7.50 -22.20
CA THR B 457 -24.22 6.11 -21.85
C THR B 457 -23.18 5.17 -22.41
N GLN B 458 -22.11 5.70 -22.99
CA GLN B 458 -21.11 4.82 -23.62
C GLN B 458 -19.69 5.29 -23.32
N GLY B 459 -18.76 4.35 -23.23
CA GLY B 459 -17.33 4.68 -23.03
C GLY B 459 -17.02 5.40 -21.74
N LEU B 460 -16.06 6.29 -21.80
CA LEU B 460 -15.67 7.09 -20.62
C LEU B 460 -16.82 8.01 -20.24
N LEU B 461 -16.94 8.29 -18.95
CA LEU B 461 -17.93 9.26 -18.48
C LEU B 461 -17.75 10.58 -19.20
N GLN B 462 -18.83 11.07 -19.81
CA GLN B 462 -18.83 12.33 -20.53
C GLN B 462 -20.21 12.96 -20.40
N PRO B 463 -20.30 14.28 -20.40
CA PRO B 463 -21.62 14.92 -20.43
C PRO B 463 -22.34 14.53 -21.70
N GLU B 464 -23.65 14.28 -21.55
CA GLU B 464 -24.46 13.88 -22.70
C GLU B 464 -24.40 14.92 -23.81
N LYS B 465 -24.41 16.20 -23.44
CA LYS B 465 -24.21 17.30 -24.36
C LYS B 465 -22.99 18.11 -23.95
N PRO B 466 -22.28 18.72 -24.90
CA PRO B 466 -21.06 19.46 -24.54
C PRO B 466 -21.35 20.58 -23.56
N ILE B 467 -20.44 20.80 -22.63
CA ILE B 467 -20.59 21.82 -21.61
C ILE B 467 -20.27 23.18 -22.21
N VAL B 468 -21.21 24.12 -22.10
CA VAL B 468 -21.05 25.47 -22.61
C VAL B 468 -21.29 26.44 -21.45
N LEU B 469 -20.41 27.44 -21.34
CA LEU B 469 -20.46 28.38 -20.23
C LEU B 469 -20.08 29.76 -20.73
N LYS B 470 -20.54 30.78 -20.00
CA LYS B 470 -20.12 32.14 -20.26
C LYS B 470 -18.76 32.38 -19.57
N VAL B 471 -17.78 32.82 -20.34
CA VAL B 471 -16.43 33.02 -19.86
C VAL B 471 -16.13 34.50 -19.89
N ASP B 472 -15.92 35.09 -18.72
CA ASP B 472 -15.69 36.53 -18.59
C ASP B 472 -14.26 36.77 -18.10
N SER B 473 -13.56 37.69 -18.77
CA SER B 473 -12.19 38.05 -18.33
C SER B 473 -12.24 38.74 -16.97
N ARG B 474 -11.24 38.51 -16.13
CA ARG B 474 -11.20 39.13 -14.79
C ARG B 474 -10.57 40.53 -14.89
N ASP B 475 -10.58 41.12 -16.09
CA ASP B 475 -10.08 42.48 -16.25
C ASP B 475 -11.24 43.47 -16.26
#